data_6DJ8
#
_entry.id   6DJ8
#
_cell.length_a   84.380
_cell.length_b   68.290
_cell.length_c   86.320
_cell.angle_alpha   90.000
_cell.angle_beta   113.700
_cell.angle_gamma   90.000
#
_symmetry.space_group_name_H-M   'P 1 21 1'
#
loop_
_entity.id
_entity.type
_entity.pdbx_description
1 polymer 'Beta sliding clamp'
2 polymer 'Natural product peptide'
3 water water
#
loop_
_entity_poly.entity_id
_entity_poly.type
_entity_poly.pdbx_seq_one_letter_code
_entity_poly.pdbx_strand_id
1 'polypeptide(L)'
;MAHHHHHHMLHNTFFICETNQIMNEIEKAKGIILNRNMNDIWSALLIEVKKSNLIIKSTDRNIFFESTISIVSETDFKVL
INASNFYDAVKAFNFYKKIKIVFNENNSKLEIMGELNDEKEEYEDHLKEPTFSYEEIENYNYDMVNEDYTFGIEIKQKSF
KKVINRIAFSAHLDESKNVLNGVYFSKDEDSKLLLVSTNGHRMSICKTEVIVEEDVNFIVPVKIFNFLKHLMSGEGMVKI
KFSDKKFYVEFDNYKIACSLINGNYPDYKSIIPKEQKNKSLVSLGILKDRLARVNLYVDKSRKLVLTFSELQLKLLGEDL
ITGRKGEFFIKDPNYLYDGADEVMAINISYFVEAISVFETSKIEIQFNSGNVLKLSEPENFNFTHLIMPMSLG
;
A,B
2 'polypeptide(L)' (ACE)(MVA)(MP8)(NZC)L(MP8)L(MVA)P(MLU)G C,D
#
loop_
_chem_comp.id
_chem_comp.type
_chem_comp.name
_chem_comp.formula
ACE non-polymer 'ACETYL GROUP' 'C2 H4 O'
#
# COMPACT_ATOMS: atom_id res chain seq x y z
N HIS A 8 -3.52 -14.58 42.30
CA HIS A 8 -3.49 -13.24 41.73
C HIS A 8 -4.83 -12.54 41.86
N MET A 9 -4.82 -11.35 42.46
CA MET A 9 -6.03 -10.57 42.65
C MET A 9 -6.07 -9.42 41.66
N LEU A 10 -7.29 -9.06 41.23
CA LEU A 10 -7.43 -7.94 40.28
C LEU A 10 -6.80 -6.67 40.83
N HIS A 11 -7.06 -6.36 42.11
CA HIS A 11 -6.66 -5.08 42.66
C HIS A 11 -5.14 -4.89 42.70
N ASN A 12 -4.36 -5.98 42.73
CA ASN A 12 -2.91 -5.82 42.79
C ASN A 12 -2.16 -6.60 41.72
N THR A 13 -2.82 -7.11 40.68
CA THR A 13 -2.13 -7.80 39.59
C THR A 13 -2.28 -6.94 38.34
N PHE A 14 -1.43 -5.93 38.22
CA PHE A 14 -1.55 -4.96 37.14
C PHE A 14 -0.19 -4.29 36.91
N PHE A 15 -0.11 -3.53 35.83
CA PHE A 15 0.97 -2.58 35.72
C PHE A 15 0.46 -1.35 34.96
N ILE A 16 1.10 -0.23 35.22
CA ILE A 16 0.88 1.03 34.52
C ILE A 16 2.08 1.29 33.64
N CYS A 17 1.84 1.66 32.40
CA CYS A 17 2.93 1.92 31.47
C CYS A 17 2.59 3.12 30.60
N GLU A 18 3.61 3.63 29.93
CA GLU A 18 3.41 4.66 28.92
C GLU A 18 2.88 4.00 27.65
N THR A 19 1.72 4.46 27.19
CA THR A 19 1.05 3.81 26.07
C THR A 19 1.93 3.80 24.82
N ASN A 20 2.49 4.95 24.44
CA ASN A 20 3.27 4.99 23.22
C ASN A 20 4.50 4.09 23.33
N GLN A 21 5.09 4.00 24.52
CA GLN A 21 6.28 3.15 24.67
C GLN A 21 5.91 1.68 24.49
N ILE A 22 4.90 1.20 25.21
CA ILE A 22 4.60 -0.22 25.08
C ILE A 22 4.08 -0.52 23.68
N MET A 23 3.42 0.45 23.02
CA MET A 23 3.02 0.24 21.63
C MET A 23 4.24 -0.02 20.74
N ASN A 24 5.27 0.81 20.87
CA ASN A 24 6.46 0.62 20.04
C ASN A 24 7.13 -0.72 20.31
N GLU A 25 7.25 -1.09 21.60
CA GLU A 25 7.95 -2.33 21.93
C GLU A 25 7.17 -3.55 21.49
N ILE A 26 5.83 -3.50 21.56
CA ILE A 26 5.05 -4.62 21.06
C ILE A 26 5.22 -4.74 19.54
N GLU A 27 5.17 -3.60 18.85
CA GLU A 27 5.36 -3.62 17.40
C GLU A 27 6.70 -4.25 17.03
N LYS A 28 7.75 -3.90 17.78
CA LYS A 28 9.07 -4.49 17.53
C LYS A 28 9.06 -5.98 17.82
N ALA A 29 8.56 -6.37 19.01
CA ALA A 29 8.65 -7.77 19.43
C ALA A 29 7.88 -8.67 18.48
N LYS A 30 6.72 -8.22 18.00
CA LYS A 30 5.92 -9.10 17.17
C LYS A 30 6.45 -9.18 15.75
N GLY A 31 7.52 -8.44 15.45
CA GLY A 31 8.09 -8.48 14.11
C GLY A 31 8.51 -9.86 13.68
N ILE A 32 8.91 -10.73 14.62
CA ILE A 32 9.37 -12.06 14.27
C ILE A 32 8.27 -13.11 14.42
N ILE A 33 7.04 -12.68 14.75
CA ILE A 33 5.94 -13.59 15.02
C ILE A 33 5.05 -13.68 13.78
N LEU A 34 5.01 -14.87 13.17
CA LEU A 34 4.01 -15.18 12.15
C LEU A 34 2.65 -15.36 12.81
N ASN A 35 1.73 -14.43 12.55
CA ASN A 35 0.45 -14.37 13.27
C ASN A 35 -0.58 -15.25 12.57
N ARG A 36 -0.62 -16.52 12.97
CA ARG A 36 -1.59 -17.43 12.39
C ARG A 36 -2.98 -17.21 13.01
N ASN A 37 -3.18 -17.71 14.23
CA ASN A 37 -4.50 -17.75 14.82
C ASN A 37 -4.39 -17.38 16.30
N MET A 38 -5.45 -16.73 16.79
CA MET A 38 -5.49 -16.21 18.15
C MET A 38 -5.31 -17.31 19.21
N ASN A 39 -5.62 -18.56 18.88
CA ASN A 39 -5.39 -19.67 19.81
C ASN A 39 -3.99 -20.24 19.75
N ASP A 40 -3.13 -19.71 18.89
CA ASP A 40 -1.79 -20.26 18.70
C ASP A 40 -0.79 -19.63 19.65
N ILE A 41 -0.16 -20.46 20.49
CA ILE A 41 0.81 -19.92 21.43
C ILE A 41 2.02 -19.34 20.73
N TRP A 42 2.32 -19.78 19.50
CA TRP A 42 3.43 -19.23 18.74
C TRP A 42 3.03 -17.95 18.01
N SER A 43 1.80 -17.52 18.15
CA SER A 43 1.35 -16.20 17.72
C SER A 43 1.30 -15.22 18.89
N ALA A 44 1.69 -15.67 20.07
CA ALA A 44 1.60 -14.88 21.28
C ALA A 44 2.95 -14.28 21.64
N LEU A 45 2.93 -13.31 22.54
CA LEU A 45 4.15 -12.90 23.21
C LEU A 45 3.97 -13.06 24.71
N LEU A 46 5.09 -13.10 25.42
CA LEU A 46 5.09 -13.32 26.86
C LEU A 46 5.54 -12.03 27.51
N ILE A 47 4.69 -11.48 28.37
CA ILE A 47 5.07 -10.28 29.13
C ILE A 47 5.21 -10.66 30.59
N GLU A 48 6.23 -10.11 31.23
CA GLU A 48 6.49 -10.41 32.62
C GLU A 48 6.66 -9.10 33.38
N VAL A 49 5.94 -8.98 34.48
CA VAL A 49 6.14 -7.88 35.41
C VAL A 49 7.14 -8.35 36.45
N LYS A 50 8.24 -7.62 36.58
CA LYS A 50 9.26 -7.94 37.59
C LYS A 50 9.64 -6.62 38.26
N LYS A 51 9.05 -6.38 39.42
CA LYS A 51 9.22 -5.13 40.16
C LYS A 51 8.79 -3.99 39.23
N SER A 52 9.62 -2.98 39.01
CA SER A 52 9.25 -1.84 38.19
C SER A 52 9.66 -2.00 36.72
N ASN A 53 9.85 -3.22 36.25
CA ASN A 53 10.18 -3.47 34.86
C ASN A 53 9.19 -4.44 34.24
N LEU A 54 8.88 -4.19 32.98
CA LEU A 54 8.13 -5.11 32.14
C LEU A 54 9.07 -5.79 31.17
N ILE A 55 9.07 -7.11 31.15
CA ILE A 55 9.88 -7.86 30.19
C ILE A 55 8.95 -8.42 29.13
N ILE A 56 9.21 -8.08 27.88
CA ILE A 56 8.44 -8.58 26.74
C ILE A 56 9.31 -9.57 25.99
N LYS A 57 8.80 -10.78 25.78
CA LYS A 57 9.53 -11.81 25.05
C LYS A 57 8.70 -12.28 23.85
N SER A 58 9.40 -12.55 22.76
CA SER A 58 8.79 -13.16 21.59
C SER A 58 9.79 -14.12 20.98
N THR A 59 9.28 -15.08 20.22
CA THR A 59 10.19 -15.99 19.53
C THR A 59 9.49 -16.53 18.30
N ASP A 60 10.30 -16.90 17.30
CA ASP A 60 9.80 -17.72 16.19
C ASP A 60 10.29 -19.16 16.33
N ARG A 61 10.79 -19.51 17.52
CA ARG A 61 11.35 -20.79 17.94
C ARG A 61 12.80 -20.93 17.46
N ASN A 62 13.34 -19.93 16.76
CA ASN A 62 14.76 -19.87 16.44
CA ASN A 62 14.76 -19.86 16.42
C ASN A 62 15.39 -18.59 16.96
N ILE A 63 14.83 -17.43 16.60
CA ILE A 63 15.20 -16.15 17.18
C ILE A 63 14.44 -16.00 18.49
N PHE A 64 15.15 -15.58 19.54
CA PHE A 64 14.56 -15.33 20.85
C PHE A 64 14.82 -13.87 21.18
N PHE A 65 13.76 -13.13 21.46
CA PHE A 65 13.83 -11.69 21.60
C PHE A 65 13.35 -11.31 22.99
N GLU A 66 14.02 -10.33 23.59
CA GLU A 66 13.59 -9.84 24.90
C GLU A 66 13.86 -8.35 25.00
N SER A 67 12.87 -7.60 25.46
CA SER A 67 12.99 -6.17 25.70
C SER A 67 12.43 -5.83 27.08
N THR A 68 12.88 -4.70 27.61
CA THR A 68 12.46 -4.28 28.94
C THR A 68 12.15 -2.80 28.94
N ILE A 69 11.08 -2.43 29.66
CA ILE A 69 10.69 -1.04 29.82
C ILE A 69 10.26 -0.84 31.27
N SER A 70 10.32 0.41 31.71
CA SER A 70 9.96 0.75 33.07
C SER A 70 8.45 0.87 33.19
N ILE A 71 7.90 0.36 34.29
CA ILE A 71 6.48 0.40 34.59
C ILE A 71 6.30 0.65 36.07
N VAL A 72 5.03 0.78 36.47
CA VAL A 72 4.63 0.82 37.87
C VAL A 72 3.80 -0.42 38.13
N SER A 73 4.10 -1.13 39.21
CA SER A 73 3.38 -2.36 39.51
C SER A 73 3.34 -2.60 41.01
N GLU A 74 2.66 -3.65 41.41
CA GLU A 74 2.65 -4.00 42.83
C GLU A 74 3.04 -5.45 43.06
N THR A 75 2.64 -6.36 42.18
CA THR A 75 3.05 -7.75 42.28
C THR A 75 3.63 -8.17 40.94
N ASP A 76 4.38 -9.26 40.98
CA ASP A 76 5.02 -9.83 39.80
C ASP A 76 4.12 -10.91 39.23
N PHE A 77 4.04 -10.98 37.91
CA PHE A 77 3.22 -12.00 37.27
C PHE A 77 3.64 -12.07 35.81
N LYS A 78 3.17 -13.13 35.13
CA LYS A 78 3.42 -13.30 33.70
C LYS A 78 2.10 -13.53 32.99
N VAL A 79 2.04 -13.09 31.73
CA VAL A 79 0.88 -13.24 30.86
C VAL A 79 1.33 -13.61 29.45
N LEU A 80 0.73 -14.65 28.88
CA LEU A 80 0.92 -15.00 27.48
C LEU A 80 -0.31 -14.52 26.70
N ILE A 81 -0.11 -13.65 25.72
CA ILE A 81 -1.23 -13.05 25.01
C ILE A 81 -0.91 -12.92 23.53
N ASN A 82 -1.90 -13.22 22.69
CA ASN A 82 -1.78 -13.05 21.25
C ASN A 82 -1.23 -11.67 20.90
N ALA A 83 -0.13 -11.64 20.12
CA ALA A 83 0.59 -10.39 19.91
C ALA A 83 -0.25 -9.39 19.13
N SER A 84 -0.96 -9.86 18.10
CA SER A 84 -1.75 -8.98 17.24
C SER A 84 -2.89 -8.31 18.03
N ASN A 85 -3.58 -9.09 18.87
CA ASN A 85 -4.66 -8.51 19.67
C ASN A 85 -4.11 -7.50 20.67
N PHE A 86 -3.00 -7.83 21.33
CA PHE A 86 -2.44 -6.93 22.33
C PHE A 86 -2.01 -5.63 21.69
N TYR A 87 -1.35 -5.72 20.52
CA TYR A 87 -0.99 -4.52 19.78
C TYR A 87 -2.23 -3.70 19.43
N ASP A 88 -3.28 -4.36 18.96
CA ASP A 88 -4.51 -3.63 18.62
C ASP A 88 -5.06 -2.91 19.84
N ALA A 89 -5.07 -3.58 20.99
CA ALA A 89 -5.57 -2.97 22.22
C ALA A 89 -4.83 -1.68 22.52
N VAL A 90 -3.51 -1.72 22.48
CA VAL A 90 -2.72 -0.55 22.82
C VAL A 90 -2.89 0.56 21.77
N LYS A 91 -2.99 0.19 20.49
CA LYS A 91 -3.33 1.19 19.48
C LYS A 91 -4.71 1.77 19.74
N ALA A 92 -5.65 0.92 20.14
CA ALA A 92 -7.01 1.40 20.41
C ALA A 92 -6.98 2.48 21.47
N PHE A 93 -6.07 2.38 22.45
CA PHE A 93 -5.98 3.32 23.54
C PHE A 93 -4.82 4.32 23.38
N ASN A 94 -4.34 4.55 22.15
CA ASN A 94 -3.23 5.49 21.99
C ASN A 94 -3.57 6.92 22.39
N PHE A 95 -4.85 7.27 22.59
CA PHE A 95 -5.11 8.65 23.02
C PHE A 95 -4.92 8.83 24.52
N TYR A 96 -4.55 7.79 25.26
CA TYR A 96 -4.13 7.93 26.65
C TYR A 96 -2.62 7.99 26.72
N LYS A 97 -2.11 8.93 27.53
CA LYS A 97 -0.66 8.99 27.72
C LYS A 97 -0.16 7.74 28.45
N LYS A 98 -0.92 7.25 29.43
CA LYS A 98 -0.59 6.07 30.21
C LYS A 98 -1.80 5.14 30.28
N ILE A 99 -1.54 3.84 30.33
CA ILE A 99 -2.65 2.89 30.51
C ILE A 99 -2.37 1.98 31.70
N LYS A 100 -3.45 1.50 32.31
CA LYS A 100 -3.39 0.53 33.39
C LYS A 100 -3.83 -0.80 32.81
N ILE A 101 -2.99 -1.82 32.93
CA ILE A 101 -3.28 -3.13 32.40
C ILE A 101 -3.44 -4.07 33.58
N VAL A 102 -4.63 -4.67 33.70
CA VAL A 102 -5.00 -5.51 34.84
C VAL A 102 -5.08 -6.94 34.34
N PHE A 103 -4.47 -7.86 35.05
CA PHE A 103 -4.54 -9.27 34.68
C PHE A 103 -5.61 -9.92 35.52
N ASN A 104 -6.60 -10.50 34.87
CA ASN A 104 -7.73 -11.18 35.51
C ASN A 104 -7.46 -12.66 35.26
N GLU A 105 -6.73 -13.26 36.19
CA GLU A 105 -6.41 -14.67 36.06
C GLU A 105 -7.64 -15.55 36.19
N ASN A 106 -8.64 -15.11 36.96
CA ASN A 106 -9.86 -15.91 37.10
C ASN A 106 -10.61 -16.06 35.78
N ASN A 107 -10.44 -15.13 34.84
CA ASN A 107 -11.16 -15.18 33.59
C ASN A 107 -10.23 -15.28 32.37
N SER A 108 -8.93 -15.39 32.57
CA SER A 108 -7.94 -15.40 31.50
C SER A 108 -8.14 -14.20 30.56
N LYS A 109 -8.07 -13.02 31.17
CA LYS A 109 -8.31 -11.78 30.45
C LYS A 109 -7.40 -10.68 30.99
N LEU A 110 -6.97 -9.83 30.08
CA LEU A 110 -6.34 -8.57 30.42
C LEU A 110 -7.44 -7.51 30.33
N GLU A 111 -7.59 -6.71 31.38
CA GLU A 111 -8.55 -5.63 31.39
C GLU A 111 -7.73 -4.36 31.32
N ILE A 112 -8.02 -3.51 30.34
CA ILE A 112 -7.20 -2.34 30.07
C ILE A 112 -8.08 -1.12 30.17
N MET A 113 -7.58 -0.10 30.85
CA MET A 113 -8.28 1.15 31.02
C MET A 113 -7.24 2.24 30.96
N GLY A 114 -7.68 3.46 30.63
CA GLY A 114 -6.75 4.57 30.67
C GLY A 114 -6.37 4.84 32.12
N GLU A 115 -5.08 5.06 32.36
CA GLU A 115 -4.61 5.45 33.69
C GLU A 115 -4.68 6.95 33.71
N LEU A 116 -5.86 7.46 34.05
CA LEU A 116 -6.08 8.88 34.14
C LEU A 116 -5.44 9.41 35.41
N ASN A 117 -5.40 10.72 35.53
CA ASN A 117 -4.74 11.30 36.69
C ASN A 117 -5.67 11.39 37.91
N ASP A 118 -6.99 11.51 37.71
CA ASP A 118 -7.81 11.35 38.91
C ASP A 118 -9.09 10.54 38.62
N GLU A 119 -10.13 10.75 39.42
CA GLU A 119 -11.18 9.76 39.66
C GLU A 119 -11.74 9.16 38.37
N LYS A 120 -12.10 7.88 38.45
CA LYS A 120 -12.82 7.21 37.37
C LYS A 120 -14.32 7.41 37.56
N GLU A 121 -15.03 7.60 36.47
CA GLU A 121 -16.47 7.73 36.50
C GLU A 121 -17.11 6.34 36.40
N GLU A 122 -18.44 6.30 36.41
CA GLU A 122 -19.14 5.03 36.22
C GLU A 122 -18.80 4.40 34.88
N TYR A 123 -18.75 5.20 33.83
CA TYR A 123 -18.62 4.71 32.46
C TYR A 123 -17.32 5.23 31.86
N GLU A 124 -16.32 4.35 31.76
CA GLU A 124 -15.02 4.68 31.20
C GLU A 124 -14.72 3.70 30.08
N ASP A 125 -13.92 4.13 29.11
CA ASP A 125 -13.51 3.23 28.04
C ASP A 125 -12.77 2.02 28.63
N HIS A 126 -12.98 0.86 28.02
CA HIS A 126 -12.51 -0.39 28.61
C HIS A 126 -12.32 -1.42 27.51
N LEU A 127 -11.22 -2.17 27.61
CA LEU A 127 -10.91 -3.25 26.69
C LEU A 127 -10.73 -4.54 27.48
N LYS A 128 -11.14 -5.65 26.91
CA LYS A 128 -10.93 -6.96 27.52
C LYS A 128 -10.23 -7.84 26.49
N GLU A 129 -9.01 -8.27 26.82
CA GLU A 129 -8.20 -9.08 25.91
C GLU A 129 -7.99 -10.47 26.51
N PRO A 130 -8.53 -11.52 25.90
CA PRO A 130 -8.32 -12.86 26.43
C PRO A 130 -6.86 -13.25 26.34
N THR A 131 -6.44 -14.07 27.30
CA THR A 131 -5.07 -14.52 27.45
C THR A 131 -5.00 -16.03 27.46
N PHE A 132 -3.78 -16.55 27.36
CA PHE A 132 -3.60 -17.98 27.51
C PHE A 132 -3.64 -18.35 28.99
N SER A 133 -3.86 -19.64 29.24
CA SER A 133 -3.81 -20.19 30.59
C SER A 133 -2.37 -20.18 31.10
N TYR A 134 -2.23 -20.20 32.42
CA TYR A 134 -0.90 -20.25 33.02
C TYR A 134 -0.12 -21.49 32.60
N GLU A 135 -0.81 -22.61 32.33
CA GLU A 135 -0.12 -23.83 31.90
C GLU A 135 0.53 -23.67 30.53
N GLU A 136 0.05 -22.73 29.71
CA GLU A 136 0.66 -22.56 28.39
C GLU A 136 1.97 -21.80 28.45
N ILE A 137 2.25 -21.10 29.55
CA ILE A 137 3.48 -20.31 29.63
C ILE A 137 4.69 -21.24 29.63
N GLU A 138 4.61 -22.35 30.35
CA GLU A 138 5.72 -23.29 30.37
C GLU A 138 6.09 -23.75 28.97
N ASN A 139 5.10 -23.88 28.08
CA ASN A 139 5.37 -24.31 26.71
C ASN A 139 6.18 -23.27 25.94
N TYR A 140 6.04 -21.98 26.29
CA TYR A 140 6.62 -20.87 25.52
C TYR A 140 7.95 -20.36 26.06
N ASN A 141 8.12 -20.28 27.39
CA ASN A 141 9.15 -19.45 28.00
C ASN A 141 10.56 -19.85 27.60
N TYR A 142 11.44 -18.85 27.54
CA TYR A 142 12.86 -19.02 27.27
C TYR A 142 13.64 -18.10 28.19
N ASP A 143 14.68 -18.63 28.82
CA ASP A 143 15.47 -17.90 29.81
C ASP A 143 16.79 -17.44 29.18
N MET A 144 17.03 -16.13 29.24
CA MET A 144 18.22 -15.52 28.64
C MET A 144 19.41 -15.53 29.61
N GLU A 147 25.15 -19.58 27.86
CA GLU A 147 26.09 -20.38 27.08
C GLU A 147 27.50 -19.80 27.15
N ASP A 148 28.50 -20.66 26.99
CA ASP A 148 29.90 -20.22 27.02
C ASP A 148 30.22 -19.53 25.69
N TYR A 149 30.53 -18.23 25.77
CA TYR A 149 30.85 -17.45 24.59
C TYR A 149 32.29 -17.64 24.16
N THR A 150 32.48 -17.87 22.86
CA THR A 150 33.82 -18.07 22.31
C THR A 150 34.44 -16.76 21.82
N PHE A 151 33.61 -15.79 21.45
CA PHE A 151 34.15 -14.54 20.93
C PHE A 151 33.04 -13.48 20.99
N GLY A 152 33.43 -12.26 21.33
CA GLY A 152 32.50 -11.14 21.39
C GLY A 152 33.18 -9.86 20.97
N ILE A 153 32.37 -8.95 20.40
CA ILE A 153 32.83 -7.61 20.04
C ILE A 153 31.76 -6.61 20.46
N GLU A 154 32.19 -5.35 20.60
CA GLU A 154 31.28 -4.24 20.84
C GLU A 154 31.58 -3.19 19.79
N ILE A 155 30.55 -2.77 19.04
CA ILE A 155 30.74 -1.86 17.94
C ILE A 155 29.63 -0.82 17.95
N LYS A 156 29.85 0.25 17.20
CA LYS A 156 28.86 1.31 17.17
C LYS A 156 27.63 0.82 16.44
N GLN A 157 26.47 1.16 16.99
CA GLN A 157 25.23 0.76 16.34
C GLN A 157 25.18 1.28 14.92
N LYS A 158 25.56 2.55 14.71
CA LYS A 158 25.51 3.15 13.38
C LYS A 158 26.32 2.33 12.38
N SER A 159 27.52 1.89 12.77
CA SER A 159 28.32 1.09 11.85
C SER A 159 27.65 -0.25 11.56
N PHE A 160 27.17 -0.92 12.61
CA PHE A 160 26.54 -2.24 12.43
C PHE A 160 25.33 -2.14 11.51
N LYS A 161 24.54 -1.07 11.65
CA LYS A 161 23.40 -0.87 10.75
C LYS A 161 23.85 -0.75 9.31
N LYS A 162 24.91 0.01 9.06
CA LYS A 162 25.41 0.16 7.69
C LYS A 162 25.85 -1.19 7.13
N VAL A 163 26.57 -1.97 7.94
CA VAL A 163 27.03 -3.29 7.49
C VAL A 163 25.83 -4.18 7.18
N ILE A 164 24.83 -4.19 8.07
CA ILE A 164 23.64 -4.99 7.83
C ILE A 164 22.99 -4.57 6.52
N ASN A 165 22.84 -3.26 6.32
CA ASN A 165 22.23 -2.74 5.10
C ASN A 165 22.99 -3.20 3.87
N ARG A 166 24.32 -3.37 3.97
CA ARG A 166 25.09 -3.79 2.81
C ARG A 166 25.16 -5.30 2.65
N ILE A 167 24.81 -6.07 3.69
CA ILE A 167 25.00 -7.51 3.68
C ILE A 167 23.68 -8.27 3.57
N ALA A 168 22.64 -7.84 4.31
CA ALA A 168 21.45 -8.69 4.46
C ALA A 168 20.79 -9.02 3.12
N PHE A 169 20.64 -8.02 2.23
CA PHE A 169 19.87 -8.25 1.01
C PHE A 169 20.48 -9.30 0.11
N SER A 170 21.80 -9.55 0.21
CA SER A 170 22.45 -10.52 -0.68
C SER A 170 22.25 -11.98 -0.27
N ALA A 171 21.88 -12.24 0.99
CA ALA A 171 21.77 -13.64 1.39
C ALA A 171 20.63 -14.29 0.61
N HIS A 172 20.75 -15.61 0.41
CA HIS A 172 19.66 -16.32 -0.22
C HIS A 172 18.39 -16.16 0.62
N LEU A 173 17.26 -15.99 -0.05
CA LEU A 173 15.98 -15.70 0.60
C LEU A 173 15.26 -16.95 1.12
N ASP A 174 15.62 -18.14 0.66
CA ASP A 174 14.97 -19.39 1.07
C ASP A 174 15.63 -19.90 2.36
N GLU A 175 14.88 -19.88 3.47
CA GLU A 175 15.48 -20.35 4.73
C GLU A 175 15.88 -21.83 4.69
N SER A 176 15.32 -22.62 3.77
CA SER A 176 15.71 -24.03 3.64
C SER A 176 17.02 -24.22 2.87
N LYS A 177 17.43 -23.28 2.02
CA LYS A 177 18.78 -23.37 1.46
C LYS A 177 19.69 -22.89 2.58
N ASN A 178 20.09 -23.83 3.43
CA ASN A 178 20.55 -23.46 4.77
C ASN A 178 21.77 -22.55 4.72
N VAL A 179 22.81 -22.93 3.98
CA VAL A 179 24.06 -22.20 4.11
C VAL A 179 23.95 -20.80 3.48
N LEU A 180 23.42 -20.73 2.27
CA LEU A 180 23.38 -19.44 1.57
C LEU A 180 22.41 -18.47 2.22
N ASN A 181 21.48 -18.95 3.04
CA ASN A 181 20.56 -18.05 3.75
C ASN A 181 21.23 -17.41 4.95
N GLY A 182 22.46 -17.81 5.28
CA GLY A 182 23.15 -17.24 6.41
C GLY A 182 24.12 -16.14 6.01
N VAL A 183 24.45 -15.31 6.99
CA VAL A 183 25.51 -14.33 6.87
C VAL A 183 26.77 -14.98 7.45
N TYR A 184 27.86 -14.97 6.68
CA TYR A 184 29.08 -15.65 7.07
C TYR A 184 30.03 -14.66 7.77
N PHE A 185 30.42 -15.00 8.99
CA PHE A 185 31.40 -14.22 9.74
C PHE A 185 32.77 -14.88 9.66
N SER A 186 33.77 -14.14 9.21
CA SER A 186 35.13 -14.66 9.10
C SER A 186 36.11 -13.53 9.43
N LYS A 187 37.39 -13.79 9.19
CA LYS A 187 38.51 -12.90 9.46
C LYS A 187 39.40 -12.87 8.21
N ASP A 188 39.85 -11.68 7.82
CA ASP A 188 40.72 -11.59 6.65
C ASP A 188 42.16 -11.89 7.06
N GLU A 189 43.12 -11.74 6.12
CA GLU A 189 44.51 -12.03 6.42
C GLU A 189 45.05 -11.15 7.54
N ASP A 190 44.53 -9.94 7.66
CA ASP A 190 44.97 -9.02 8.70
C ASP A 190 44.18 -9.20 10.00
N SER A 191 43.43 -10.29 10.11
CA SER A 191 42.69 -10.63 11.32
C SER A 191 41.54 -9.66 11.59
N LYS A 192 41.03 -9.03 10.52
CA LYS A 192 39.90 -8.12 10.62
C LYS A 192 38.60 -8.88 10.38
N LEU A 193 37.61 -8.57 11.20
CA LEU A 193 36.32 -9.23 11.08
C LEU A 193 35.67 -8.91 9.74
N LEU A 194 35.14 -9.95 9.10
CA LEU A 194 34.62 -9.84 7.75
C LEU A 194 33.27 -10.54 7.64
N LEU A 195 32.34 -9.90 6.94
CA LEU A 195 31.02 -10.45 6.67
C LEU A 195 30.84 -10.69 5.18
N VAL A 196 30.26 -11.82 4.83
CA VAL A 196 29.99 -12.20 3.44
C VAL A 196 28.57 -12.71 3.35
N SER A 197 27.86 -12.37 2.26
CA SER A 197 26.59 -13.01 2.00
C SER A 197 26.40 -13.18 0.51
N THR A 198 25.68 -14.23 0.13
CA THR A 198 25.44 -14.47 -1.29
C THR A 198 24.24 -15.40 -1.44
N ASN A 199 23.63 -15.34 -2.62
CA ASN A 199 22.60 -16.28 -3.01
C ASN A 199 23.06 -17.15 -4.15
N GLY A 200 24.37 -17.17 -4.43
CA GLY A 200 24.92 -17.89 -5.54
C GLY A 200 25.09 -17.07 -6.80
N HIS A 201 24.39 -15.95 -6.92
CA HIS A 201 24.46 -15.13 -8.12
C HIS A 201 24.96 -13.72 -7.87
N ARG A 202 24.70 -13.17 -6.68
CA ARG A 202 25.19 -11.87 -6.27
C ARG A 202 25.70 -12.02 -4.85
N MET A 203 26.67 -11.19 -4.48
CA MET A 203 27.37 -11.37 -3.22
C MET A 203 27.85 -10.04 -2.67
N SER A 204 27.69 -9.86 -1.37
CA SER A 204 28.25 -8.72 -0.65
C SER A 204 29.39 -9.16 0.27
N ILE A 205 30.44 -8.34 0.33
CA ILE A 205 31.60 -8.53 1.20
C ILE A 205 31.87 -7.23 1.94
N CYS A 206 31.80 -7.26 3.26
CA CYS A 206 32.04 -6.09 4.10
C CYS A 206 33.17 -6.41 5.06
N LYS A 207 34.30 -5.73 4.89
CA LYS A 207 35.41 -5.84 5.83
C LYS A 207 35.23 -4.75 6.88
N THR A 208 35.38 -5.11 8.15
CA THR A 208 35.31 -4.13 9.22
C THR A 208 36.71 -3.70 9.59
N GLU A 209 36.79 -2.80 10.56
CA GLU A 209 38.07 -2.44 11.16
C GLU A 209 38.32 -3.17 12.48
N VAL A 210 37.44 -4.08 12.88
CA VAL A 210 37.53 -4.73 14.18
C VAL A 210 38.55 -5.86 14.09
N ILE A 211 39.52 -5.85 15.00
CA ILE A 211 40.55 -6.89 15.06
C ILE A 211 40.09 -7.95 16.06
N VAL A 212 40.12 -9.20 15.63
CA VAL A 212 39.66 -10.32 16.44
C VAL A 212 40.80 -11.33 16.51
N GLU A 213 41.26 -11.63 17.73
CA GLU A 213 42.34 -12.60 17.90
C GLU A 213 41.83 -14.03 17.76
N GLU A 214 40.59 -14.30 18.18
CA GLU A 214 40.07 -15.64 18.16
C GLU A 214 39.77 -16.09 16.73
N ASP A 215 39.46 -17.37 16.57
CA ASP A 215 39.00 -17.90 15.31
C ASP A 215 37.55 -17.50 15.09
N VAL A 216 37.22 -17.17 13.84
CA VAL A 216 35.91 -16.67 13.46
C VAL A 216 35.45 -17.51 12.29
N ASN A 217 34.39 -18.30 12.51
CA ASN A 217 33.86 -19.15 11.44
C ASN A 217 32.41 -19.49 11.78
N PHE A 218 31.49 -18.54 11.54
CA PHE A 218 30.12 -18.65 12.00
C PHE A 218 29.17 -18.24 10.89
N ILE A 219 28.05 -18.95 10.79
CA ILE A 219 27.01 -18.70 9.80
C ILE A 219 25.73 -18.40 10.56
N VAL A 220 25.22 -17.20 10.40
CA VAL A 220 24.05 -16.69 11.12
C VAL A 220 22.91 -16.51 10.13
N PRO A 221 21.74 -17.10 10.37
CA PRO A 221 20.61 -16.90 9.46
C PRO A 221 20.31 -15.43 9.29
N VAL A 222 20.04 -15.04 8.05
CA VAL A 222 19.91 -13.61 7.76
C VAL A 222 18.70 -13.00 8.49
N LYS A 223 17.69 -13.78 8.84
CA LYS A 223 16.45 -13.16 9.35
C LYS A 223 16.74 -12.25 10.55
N ILE A 224 17.63 -12.68 11.45
CA ILE A 224 17.89 -11.84 12.62
C ILE A 224 18.45 -10.48 12.22
N PHE A 225 19.18 -10.40 11.09
CA PHE A 225 19.71 -9.11 10.69
C PHE A 225 18.63 -8.22 10.12
N ASN A 226 17.70 -8.78 9.34
CA ASN A 226 16.54 -7.98 8.92
C ASN A 226 15.79 -7.45 10.13
N PHE A 227 15.63 -8.29 11.15
CA PHE A 227 14.96 -7.88 12.39
C PHE A 227 15.72 -6.74 13.08
N LEU A 228 17.02 -6.91 13.22
CA LEU A 228 17.87 -6.00 13.95
C LEU A 228 17.87 -4.61 13.34
N LYS A 229 17.88 -4.52 12.02
CA LYS A 229 17.99 -3.20 11.42
CA LYS A 229 17.95 -3.23 11.34
C LYS A 229 16.77 -2.35 11.72
N HIS A 230 15.64 -2.96 12.02
CA HIS A 230 14.46 -2.25 12.52
C HIS A 230 14.59 -1.88 13.99
N LEU A 231 15.43 -2.59 14.77
CA LEU A 231 15.51 -2.33 16.20
C LEU A 231 16.56 -1.30 16.59
N MET A 232 17.66 -1.22 15.85
CA MET A 232 18.79 -0.44 16.29
C MET A 232 18.61 1.04 15.97
N SER A 233 18.71 1.87 17.00
CA SER A 233 18.54 3.31 16.85
C SER A 233 19.63 3.94 16.01
N GLY A 234 20.83 3.39 16.03
CA GLY A 234 21.96 4.01 15.37
C GLY A 234 22.84 4.84 16.30
N GLU A 235 22.39 5.07 17.53
CA GLU A 235 23.15 5.77 18.55
C GLU A 235 23.53 4.78 19.64
N GLY A 236 24.76 4.86 20.09
CA GLY A 236 25.22 4.00 21.15
C GLY A 236 25.94 2.79 20.61
N MET A 237 26.25 1.86 21.51
CA MET A 237 27.04 0.68 21.21
C MET A 237 26.15 -0.55 21.17
N VAL A 238 26.63 -1.59 20.48
CA VAL A 238 25.97 -2.89 20.43
C VAL A 238 27.01 -3.98 20.66
N LYS A 239 26.71 -4.91 21.56
CA LYS A 239 27.58 -6.03 21.87
C LYS A 239 27.09 -7.24 21.08
N ILE A 240 28.00 -7.89 20.39
CA ILE A 240 27.71 -9.10 19.62
C ILE A 240 28.56 -10.21 20.20
N LYS A 241 27.95 -11.38 20.39
CA LYS A 241 28.63 -12.53 20.98
C LYS A 241 28.31 -13.79 20.19
N PHE A 242 29.28 -14.71 20.14
CA PHE A 242 29.13 -16.00 19.48
C PHE A 242 29.48 -17.12 20.42
N SER A 243 28.76 -18.23 20.31
CA SER A 243 29.12 -19.47 20.98
C SER A 243 29.26 -20.56 19.91
N ASP A 244 29.41 -21.81 20.36
CA ASP A 244 29.51 -22.91 19.41
C ASP A 244 28.24 -23.05 18.58
N LYS A 245 27.09 -22.76 19.19
CA LYS A 245 25.81 -23.02 18.55
C LYS A 245 24.94 -21.79 18.39
N LYS A 246 25.27 -20.67 19.03
CA LYS A 246 24.33 -19.56 19.08
C LYS A 246 25.01 -18.22 18.81
N PHE A 247 24.18 -17.28 18.39
CA PHE A 247 24.57 -15.90 18.11
C PHE A 247 23.74 -15.01 19.02
N TYR A 248 24.37 -13.98 19.58
CA TYR A 248 23.75 -13.19 20.63
C TYR A 248 24.06 -11.73 20.39
N VAL A 249 23.07 -10.87 20.58
CA VAL A 249 23.23 -9.43 20.36
C VAL A 249 22.53 -8.70 21.49
N GLU A 250 23.15 -7.64 21.98
CA GLU A 250 22.61 -6.91 23.11
C GLU A 250 22.95 -5.44 22.93
N PHE A 251 21.94 -4.58 23.13
CA PHE A 251 22.06 -3.14 22.93
C PHE A 251 20.80 -2.49 23.46
N ASP A 252 20.97 -1.28 24.00
CA ASP A 252 19.88 -0.52 24.62
C ASP A 252 19.07 -1.42 25.56
N ASN A 253 17.75 -1.53 25.36
CA ASN A 253 16.95 -2.35 26.25
C ASN A 253 16.59 -3.70 25.64
N TYR A 254 17.44 -4.22 24.74
CA TYR A 254 17.15 -5.43 23.98
C TYR A 254 18.20 -6.51 24.18
N LYS A 255 17.75 -7.76 24.13
CA LYS A 255 18.61 -8.93 24.06
C LYS A 255 17.97 -9.86 23.04
N ILE A 256 18.77 -10.37 22.12
CA ILE A 256 18.28 -11.21 21.03
C ILE A 256 19.28 -12.33 20.81
N ALA A 257 18.78 -13.51 20.49
CA ALA A 257 19.64 -14.65 20.22
C ALA A 257 19.01 -15.52 19.14
N CYS A 258 19.86 -16.29 18.44
CA CYS A 258 19.36 -17.29 17.51
C CYS A 258 20.40 -18.38 17.36
N SER A 259 20.03 -19.45 16.67
CA SER A 259 20.96 -20.55 16.43
C SER A 259 21.80 -20.30 15.19
N LEU A 260 23.03 -20.81 15.24
CA LEU A 260 23.89 -20.80 14.06
C LEU A 260 23.52 -21.94 13.12
N ILE A 261 23.89 -21.78 11.87
CA ILE A 261 23.77 -22.85 10.88
C ILE A 261 25.08 -23.62 10.95
N ASN A 262 25.00 -24.94 11.20
CA ASN A 262 26.18 -25.78 11.31
CA ASN A 262 26.20 -25.76 11.30
C ASN A 262 26.52 -26.33 9.93
N GLY A 263 27.31 -25.58 9.17
CA GLY A 263 27.68 -26.01 7.84
C GLY A 263 29.03 -25.44 7.44
N ASN A 264 29.42 -25.66 6.19
CA ASN A 264 30.66 -25.11 5.65
C ASN A 264 30.31 -24.07 4.61
N TYR A 265 30.64 -22.81 4.90
CA TYR A 265 30.32 -21.76 3.94
C TYR A 265 31.24 -21.92 2.72
N PRO A 266 30.74 -21.63 1.52
CA PRO A 266 31.57 -21.80 0.31
C PRO A 266 32.80 -20.90 0.34
N ASP A 267 33.79 -21.29 -0.48
CA ASP A 267 35.06 -20.58 -0.64
C ASP A 267 34.85 -19.30 -1.46
N TYR A 268 34.28 -18.28 -0.80
CA TYR A 268 34.03 -16.99 -1.46
C TYR A 268 35.32 -16.32 -1.91
N LYS A 269 36.42 -16.56 -1.18
CA LYS A 269 37.69 -15.89 -1.49
C LYS A 269 38.13 -16.18 -2.91
N SER A 270 37.82 -17.38 -3.41
CA SER A 270 38.26 -17.81 -4.73
C SER A 270 37.57 -17.07 -5.87
N ILE A 271 36.39 -16.48 -5.65
CA ILE A 271 35.70 -15.82 -6.77
C ILE A 271 35.99 -14.31 -6.82
N ILE A 272 36.65 -13.75 -5.82
CA ILE A 272 37.01 -12.33 -5.85
C ILE A 272 37.97 -12.06 -7.00
N PRO A 273 37.63 -11.19 -7.94
CA PRO A 273 38.55 -10.90 -9.03
C PRO A 273 39.74 -10.10 -8.50
N LYS A 274 40.92 -10.42 -9.05
CA LYS A 274 42.13 -9.75 -8.58
C LYS A 274 42.29 -8.40 -9.28
N GLU A 275 42.40 -8.41 -10.60
CA GLU A 275 42.50 -7.21 -11.41
C GLU A 275 41.51 -7.32 -12.55
N GLN A 276 40.73 -6.27 -12.77
CA GLN A 276 39.70 -6.29 -13.80
C GLN A 276 40.03 -5.28 -14.89
N LYS A 277 39.93 -5.74 -16.14
CA LYS A 277 40.45 -4.96 -17.27
C LYS A 277 39.57 -3.75 -17.59
N ASN A 278 38.24 -3.90 -17.51
CA ASN A 278 37.31 -2.86 -17.93
C ASN A 278 36.74 -2.15 -16.70
N LYS A 279 36.93 -0.84 -16.62
CA LYS A 279 36.52 -0.06 -15.45
C LYS A 279 35.65 1.12 -15.85
N SER A 280 34.53 1.31 -15.14
CA SER A 280 33.63 2.40 -15.42
C SER A 280 33.34 3.16 -14.14
N LEU A 281 33.03 4.45 -14.28
CA LEU A 281 32.65 5.31 -13.17
C LEU A 281 31.35 6.00 -13.58
N VAL A 282 30.27 5.77 -12.82
CA VAL A 282 28.94 6.20 -13.23
C VAL A 282 28.31 7.03 -12.11
N SER A 283 27.64 8.10 -12.50
CA SER A 283 26.89 8.91 -11.55
C SER A 283 25.71 8.11 -11.01
N LEU A 284 25.63 8.01 -9.68
CA LEU A 284 24.69 7.07 -9.03
C LEU A 284 23.24 7.48 -9.23
N GLY A 285 22.91 8.74 -8.94
CA GLY A 285 21.53 9.19 -9.05
C GLY A 285 20.96 9.01 -10.45
N ILE A 286 21.77 9.29 -11.47
CA ILE A 286 21.32 9.14 -12.85
C ILE A 286 21.22 7.67 -13.21
N LEU A 287 22.17 6.85 -12.76
CA LEU A 287 22.02 5.42 -12.95
C LEU A 287 20.70 4.92 -12.35
N LYS A 288 20.39 5.33 -11.10
CA LYS A 288 19.15 4.87 -10.48
C LYS A 288 17.94 5.29 -11.30
N ASP A 289 17.91 6.55 -11.73
CA ASP A 289 16.76 7.06 -12.48
C ASP A 289 16.55 6.28 -13.78
N ARG A 290 17.63 6.02 -14.52
CA ARG A 290 17.53 5.34 -15.80
C ARG A 290 17.16 3.88 -15.65
N LEU A 291 17.66 3.22 -14.60
CA LEU A 291 17.28 1.84 -14.36
C LEU A 291 15.80 1.73 -14.07
N ALA A 292 15.26 2.72 -13.35
CA ALA A 292 13.82 2.70 -13.08
C ALA A 292 13.02 2.87 -14.36
N ARG A 293 13.56 3.60 -15.33
CA ARG A 293 12.83 3.78 -16.58
C ARG A 293 12.97 2.55 -17.48
N VAL A 294 14.19 2.03 -17.64
CA VAL A 294 14.38 0.88 -18.52
C VAL A 294 13.72 -0.34 -17.92
N ASN A 295 13.59 -0.39 -16.59
CA ASN A 295 12.86 -1.46 -15.94
C ASN A 295 11.46 -1.65 -16.54
N LEU A 296 10.87 -0.58 -17.08
CA LEU A 296 9.53 -0.72 -17.66
C LEU A 296 9.54 -1.53 -18.93
N TYR A 297 10.73 -1.91 -19.42
CA TYR A 297 10.89 -2.68 -20.64
C TYR A 297 11.62 -4.00 -20.41
N VAL A 298 11.76 -4.42 -19.17
CA VAL A 298 12.41 -5.68 -18.84
C VAL A 298 11.33 -6.66 -18.39
N ASP A 299 11.41 -7.91 -18.87
CA ASP A 299 10.37 -8.87 -18.56
C ASP A 299 10.63 -9.56 -17.21
N LYS A 300 9.86 -10.63 -16.96
CA LYS A 300 9.97 -11.36 -15.69
C LYS A 300 11.32 -12.04 -15.52
N SER A 301 12.06 -12.26 -16.60
CA SER A 301 13.41 -12.83 -16.44
C SER A 301 14.38 -11.83 -15.83
N ARG A 302 14.03 -10.54 -15.76
CA ARG A 302 14.86 -9.46 -15.24
C ARG A 302 16.06 -9.17 -16.13
N LYS A 303 16.09 -9.72 -17.35
CA LYS A 303 17.29 -9.64 -18.20
C LYS A 303 17.43 -8.22 -18.74
N LEU A 304 18.42 -7.50 -18.24
CA LEU A 304 18.78 -6.18 -18.73
C LEU A 304 20.06 -6.29 -19.53
N VAL A 305 20.10 -5.75 -20.76
CA VAL A 305 21.30 -5.81 -21.59
C VAL A 305 22.05 -4.49 -21.48
N LEU A 306 23.30 -4.56 -21.01
CA LEU A 306 24.17 -3.41 -20.84
C LEU A 306 25.22 -3.39 -21.92
N THR A 307 25.47 -2.21 -22.50
CA THR A 307 26.57 -2.05 -23.44
C THR A 307 27.49 -0.94 -22.95
N PHE A 308 28.73 -1.30 -22.62
CA PHE A 308 29.76 -0.36 -22.19
C PHE A 308 30.61 0.02 -23.41
N SER A 309 30.67 1.32 -23.70
CA SER A 309 31.59 1.87 -24.67
C SER A 309 32.24 3.10 -24.03
N GLU A 310 33.25 3.66 -24.72
CA GLU A 310 33.96 4.80 -24.16
C GLU A 310 33.05 6.01 -24.01
N LEU A 311 32.13 6.22 -24.95
CA LEU A 311 31.32 7.42 -24.88
C LEU A 311 30.03 7.25 -24.09
N GLN A 312 29.54 6.02 -23.90
CA GLN A 312 28.25 5.90 -23.25
C GLN A 312 28.09 4.50 -22.68
N LEU A 313 27.17 4.40 -21.74
CA LEU A 313 26.63 3.13 -21.27
C LEU A 313 25.22 3.02 -21.82
N LYS A 314 24.92 1.90 -22.48
CA LYS A 314 23.60 1.67 -23.07
C LYS A 314 22.83 0.67 -22.21
N LEU A 315 21.61 1.02 -21.85
CA LEU A 315 20.71 0.12 -21.12
CA LEU A 315 20.71 0.13 -21.12
C LEU A 315 19.56 -0.25 -22.04
N LEU A 316 19.37 -1.55 -22.25
CA LEU A 316 18.39 -2.03 -23.22
C LEU A 316 17.45 -3.02 -22.56
N GLY A 317 16.16 -2.68 -22.57
CA GLY A 317 15.13 -3.59 -22.15
C GLY A 317 14.37 -4.03 -23.37
N GLU A 318 14.36 -5.34 -23.64
CA GLU A 318 13.81 -5.85 -24.87
C GLU A 318 13.00 -7.11 -24.63
N ASP A 319 11.87 -7.20 -25.31
CA ASP A 319 11.01 -8.38 -25.33
C ASP A 319 11.12 -8.99 -26.71
N LEU A 320 11.76 -10.15 -26.78
CA LEU A 320 12.05 -10.75 -28.10
C LEU A 320 10.77 -11.19 -28.80
N ILE A 321 9.78 -11.65 -28.03
CA ILE A 321 8.54 -12.12 -28.63
C ILE A 321 7.80 -10.98 -29.33
N THR A 322 7.59 -9.87 -28.61
CA THR A 322 6.73 -8.80 -29.10
C THR A 322 7.45 -7.76 -29.93
N GLY A 323 8.73 -7.51 -29.66
CA GLY A 323 9.39 -6.38 -30.26
C GLY A 323 9.35 -5.12 -29.44
N ARG A 324 8.64 -5.15 -28.31
CA ARG A 324 8.66 -4.02 -27.38
C ARG A 324 10.06 -3.82 -26.81
N LYS A 325 10.56 -2.58 -26.89
CA LYS A 325 11.95 -2.33 -26.51
C LYS A 325 12.12 -0.90 -26.05
N GLY A 326 12.95 -0.72 -25.01
CA GLY A 326 13.35 0.59 -24.53
C GLY A 326 14.86 0.71 -24.41
N GLU A 327 15.44 1.79 -24.93
CA GLU A 327 16.89 1.99 -24.94
C GLU A 327 17.21 3.33 -24.28
N PHE A 328 18.09 3.30 -23.27
CA PHE A 328 18.52 4.51 -22.59
C PHE A 328 20.03 4.57 -22.53
N PHE A 329 20.56 5.78 -22.63
CA PHE A 329 21.99 6.05 -22.68
C PHE A 329 22.38 6.98 -21.54
N ILE A 330 23.56 6.73 -20.98
CA ILE A 330 24.17 7.59 -19.97
C ILE A 330 25.54 8.00 -20.49
N LYS A 331 25.79 9.31 -20.52
CA LYS A 331 26.98 9.86 -21.15
C LYS A 331 27.65 10.88 -20.23
N ASP A 332 28.75 11.44 -20.71
CA ASP A 332 29.46 12.48 -19.98
C ASP A 332 28.49 13.60 -19.59
N PRO A 333 28.58 14.17 -18.38
CA PRO A 333 29.57 14.03 -17.30
C PRO A 333 29.15 12.97 -16.30
N ASN A 334 28.24 12.09 -16.72
CA ASN A 334 27.69 11.06 -15.83
C ASN A 334 28.32 9.68 -16.02
N TYR A 335 29.27 9.53 -16.94
CA TYR A 335 29.79 8.20 -17.24
C TYR A 335 31.20 8.30 -17.79
N LEU A 336 32.12 7.53 -17.22
CA LEU A 336 33.49 7.41 -17.71
C LEU A 336 33.79 5.93 -17.84
N TYR A 337 34.53 5.56 -18.88
CA TYR A 337 34.83 4.16 -19.15
C TYR A 337 36.21 4.00 -19.75
N ASP A 338 36.94 3.01 -19.26
CA ASP A 338 38.24 2.62 -19.80
C ASP A 338 38.23 1.12 -20.03
N GLY A 339 38.05 0.69 -21.28
CA GLY A 339 37.97 -0.73 -21.56
C GLY A 339 37.54 -0.98 -22.99
N ALA A 340 37.29 -2.26 -23.28
CA ALA A 340 36.87 -2.70 -24.60
C ALA A 340 35.35 -2.59 -24.72
N ASP A 341 34.85 -2.64 -25.95
CA ASP A 341 33.41 -2.68 -26.17
C ASP A 341 32.85 -3.98 -25.62
N GLU A 342 31.94 -3.90 -24.65
CA GLU A 342 31.46 -5.06 -23.93
C GLU A 342 29.94 -5.00 -23.82
N VAL A 343 29.29 -6.08 -24.24
CA VAL A 343 27.85 -6.25 -24.11
C VAL A 343 27.60 -7.39 -23.15
N MET A 344 26.71 -7.16 -22.19
CA MET A 344 26.42 -8.22 -21.20
C MET A 344 24.99 -8.08 -20.68
N ALA A 345 24.44 -9.19 -20.23
CA ALA A 345 23.13 -9.21 -19.62
C ALA A 345 23.28 -9.35 -18.12
N ILE A 346 22.40 -8.68 -17.38
CA ILE A 346 22.42 -8.68 -15.93
C ILE A 346 21.00 -8.64 -15.41
N ASN A 347 20.79 -9.25 -14.24
CA ASN A 347 19.51 -9.20 -13.55
C ASN A 347 19.27 -7.80 -13.02
N ILE A 348 18.29 -7.11 -13.58
CA ILE A 348 18.06 -5.71 -13.19
C ILE A 348 17.66 -5.60 -11.73
N SER A 349 16.97 -6.60 -11.17
CA SER A 349 16.62 -6.48 -9.75
C SER A 349 17.87 -6.52 -8.89
N TYR A 350 18.81 -7.42 -9.22
CA TYR A 350 20.08 -7.47 -8.48
C TYR A 350 20.82 -6.14 -8.59
N PHE A 351 20.89 -5.61 -9.81
CA PHE A 351 21.59 -4.35 -10.06
C PHE A 351 20.98 -3.24 -9.22
N VAL A 352 19.66 -3.08 -9.32
CA VAL A 352 18.96 -2.02 -8.60
C VAL A 352 19.09 -2.21 -7.10
N GLU A 353 18.86 -3.44 -6.62
CA GLU A 353 18.99 -3.68 -5.19
C GLU A 353 20.37 -3.32 -4.70
N ALA A 354 21.41 -3.69 -5.46
CA ALA A 354 22.76 -3.43 -5.00
C ALA A 354 23.04 -1.93 -4.97
N ILE A 355 22.73 -1.22 -6.06
CA ILE A 355 23.13 0.18 -6.06
C ILE A 355 22.31 0.99 -5.06
N SER A 356 21.15 0.48 -4.62
CA SER A 356 20.33 1.23 -3.67
C SER A 356 20.99 1.34 -2.29
N VAL A 357 22.03 0.56 -2.00
CA VAL A 357 22.70 0.71 -0.71
C VAL A 357 23.91 1.62 -0.77
N PHE A 358 24.27 2.12 -1.96
CA PHE A 358 25.44 2.98 -2.10
C PHE A 358 25.13 4.39 -1.63
N GLU A 359 26.12 5.05 -1.01
CA GLU A 359 25.93 6.41 -0.54
C GLU A 359 26.84 7.43 -1.20
N THR A 360 27.69 7.04 -2.14
CA THR A 360 28.58 7.99 -2.79
C THR A 360 27.89 8.63 -4.00
N SER A 361 28.48 9.73 -4.46
CA SER A 361 27.99 10.42 -5.65
C SER A 361 28.12 9.55 -6.88
N LYS A 362 29.22 8.80 -6.99
CA LYS A 362 29.51 7.96 -8.13
C LYS A 362 29.69 6.52 -7.67
N ILE A 363 29.60 5.58 -8.61
CA ILE A 363 29.80 4.18 -8.34
C ILE A 363 30.80 3.61 -9.33
N GLU A 364 31.69 2.75 -8.86
CA GLU A 364 32.63 2.06 -9.75
C GLU A 364 32.01 0.72 -10.16
N ILE A 365 32.02 0.44 -11.45
CA ILE A 365 31.55 -0.82 -12.01
C ILE A 365 32.69 -1.35 -12.87
N GLN A 366 33.25 -2.49 -12.47
CA GLN A 366 34.43 -3.05 -13.12
C GLN A 366 34.17 -4.53 -13.39
N PHE A 367 34.82 -5.04 -14.43
CA PHE A 367 34.62 -6.43 -14.81
C PHE A 367 35.70 -6.85 -15.81
N ASN A 368 35.98 -8.15 -15.81
CA ASN A 368 36.66 -8.79 -16.92
C ASN A 368 35.62 -9.36 -17.86
N SER A 369 35.90 -9.30 -19.17
CA SER A 369 34.94 -9.72 -20.17
C SER A 369 34.35 -11.08 -19.85
N GLY A 370 33.02 -11.16 -19.87
CA GLY A 370 32.34 -12.42 -19.58
C GLY A 370 32.54 -12.87 -18.17
N ASN A 371 32.97 -11.98 -17.29
CA ASN A 371 33.12 -12.41 -15.89
C ASN A 371 32.28 -11.57 -14.94
N VAL A 372 32.39 -11.85 -13.64
CA VAL A 372 31.63 -11.19 -12.59
C VAL A 372 31.78 -9.68 -12.68
N LEU A 373 30.67 -8.99 -12.50
CA LEU A 373 30.63 -7.54 -12.38
C LEU A 373 30.89 -7.16 -10.92
N LYS A 374 31.79 -6.21 -10.70
CA LYS A 374 32.13 -5.77 -9.36
C LYS A 374 31.66 -4.34 -9.17
N LEU A 375 30.90 -4.11 -8.11
CA LEU A 375 30.41 -2.80 -7.73
C LEU A 375 31.08 -2.34 -6.45
N SER A 376 31.55 -1.10 -6.44
CA SER A 376 32.17 -0.54 -5.25
C SER A 376 32.03 0.97 -5.28
N GLU A 377 32.28 1.56 -4.12
CA GLU A 377 32.34 3.00 -3.88
C GLU A 377 33.80 3.45 -4.02
N PRO A 378 34.01 4.59 -4.68
N PRO A 378 34.02 4.64 -4.62
CA PRO A 378 35.36 5.17 -4.72
CA PRO A 378 35.39 5.08 -4.94
C PRO A 378 35.86 5.47 -3.31
C PRO A 378 36.42 4.88 -3.82
N GLU A 379 37.12 5.16 -3.06
N GLU A 379 36.35 5.72 -2.79
CA GLU A 379 37.84 5.35 -1.81
CA GLU A 379 37.34 5.69 -1.71
C GLU A 379 37.35 4.46 -0.70
C GLU A 379 37.01 4.70 -0.61
N ASN A 380 36.39 3.57 -0.95
CA ASN A 380 35.95 2.59 0.02
C ASN A 380 36.50 1.22 -0.35
N PHE A 381 37.38 0.68 0.48
CA PHE A 381 37.99 -0.61 0.21
C PHE A 381 37.43 -1.68 1.13
N ASN A 382 36.42 -1.32 1.93
CA ASN A 382 35.74 -2.24 2.84
C ASN A 382 34.55 -2.95 2.22
N PHE A 383 33.92 -2.37 1.20
CA PHE A 383 32.70 -2.95 0.65
C PHE A 383 32.88 -3.35 -0.81
N THR A 384 32.51 -4.59 -1.12
CA THR A 384 32.51 -5.09 -2.49
C THR A 384 31.20 -5.81 -2.74
N HIS A 385 30.58 -5.54 -3.88
CA HIS A 385 29.41 -6.28 -4.33
C HIS A 385 29.66 -6.84 -5.73
N LEU A 386 29.39 -8.13 -5.88
CA LEU A 386 29.62 -8.87 -7.10
C LEU A 386 28.28 -9.36 -7.63
N ILE A 387 28.12 -9.28 -8.95
CA ILE A 387 26.93 -9.79 -9.63
C ILE A 387 27.39 -10.61 -10.82
N MET A 388 26.96 -11.86 -10.86
CA MET A 388 27.28 -12.69 -12.02
C MET A 388 26.41 -12.27 -13.19
N PRO A 389 26.97 -12.08 -14.38
CA PRO A 389 26.14 -11.75 -15.53
C PRO A 389 25.26 -12.92 -15.92
N MET A 390 24.16 -12.59 -16.60
CA MET A 390 23.31 -13.59 -17.22
C MET A 390 23.83 -13.91 -18.62
N SER A 391 23.53 -15.10 -19.12
CA SER A 391 23.97 -15.54 -20.46
C SER A 391 23.30 -14.65 -21.50
N LEU A 392 24.09 -14.11 -22.40
CA LEU A 392 23.57 -13.10 -23.31
C LEU A 392 22.72 -13.73 -24.42
N GLY A 393 23.25 -14.75 -25.08
CA GLY A 393 22.51 -15.43 -26.14
C GLY A 393 22.74 -14.85 -27.54
N ASN B 12 6.64 10.37 -41.95
CA ASN B 12 5.94 11.63 -41.80
C ASN B 12 4.64 11.45 -41.02
N THR B 13 4.53 10.33 -40.34
CA THR B 13 3.38 9.97 -39.52
C THR B 13 3.80 10.07 -38.04
N PHE B 14 3.77 11.28 -37.50
CA PHE B 14 4.26 11.52 -36.15
C PHE B 14 3.56 12.74 -35.59
N PHE B 15 3.74 12.93 -34.27
CA PHE B 15 3.32 14.18 -33.65
C PHE B 15 4.23 14.48 -32.47
N ILE B 16 4.29 15.75 -32.10
CA ILE B 16 5.01 16.22 -30.92
C ILE B 16 4.00 16.66 -29.87
N CYS B 17 4.24 16.28 -28.61
CA CYS B 17 3.34 16.67 -27.53
C CYS B 17 4.15 16.98 -26.27
N GLU B 18 3.49 17.61 -25.31
CA GLU B 18 4.05 17.82 -23.98
C GLU B 18 3.94 16.51 -23.20
N THR B 19 5.09 16.01 -22.72
CA THR B 19 5.12 14.68 -22.12
C THR B 19 4.19 14.59 -20.91
N ASN B 20 4.29 15.55 -19.99
CA ASN B 20 3.49 15.48 -18.78
C ASN B 20 2.00 15.53 -19.07
N GLN B 21 1.61 16.26 -20.12
CA GLN B 21 0.20 16.38 -20.46
C GLN B 21 -0.36 15.06 -20.97
N ILE B 22 0.32 14.43 -21.94
CA ILE B 22 -0.21 13.17 -22.45
C ILE B 22 -0.13 12.07 -21.39
N MET B 23 0.87 12.11 -20.50
CA MET B 23 0.89 11.13 -19.41
C MET B 23 -0.36 11.24 -18.55
N ASN B 24 -0.72 12.46 -18.16
CA ASN B 24 -1.89 12.63 -17.31
C ASN B 24 -3.16 12.19 -18.03
N GLU B 25 -3.29 12.53 -19.32
CA GLU B 25 -4.50 12.19 -20.03
C GLU B 25 -4.61 10.69 -20.30
N ILE B 26 -3.48 10.02 -20.56
CA ILE B 26 -3.50 8.56 -20.70
C ILE B 26 -3.85 7.91 -19.37
N GLU B 27 -3.27 8.38 -18.27
CA GLU B 27 -3.60 7.82 -16.97
C GLU B 27 -5.11 7.93 -16.71
N LYS B 28 -5.70 9.07 -17.02
CA LYS B 28 -7.14 9.21 -16.80
C LYS B 28 -7.92 8.26 -17.69
N ALA B 29 -7.58 8.24 -18.99
CA ALA B 29 -8.34 7.45 -19.95
C ALA B 29 -8.32 5.97 -19.63
N LYS B 30 -7.18 5.46 -19.16
CA LYS B 30 -7.11 4.01 -18.95
C LYS B 30 -7.75 3.58 -17.63
N GLY B 31 -8.27 4.52 -16.85
CA GLY B 31 -8.96 4.16 -15.61
C GLY B 31 -10.11 3.18 -15.82
N ILE B 32 -10.72 3.17 -17.00
CA ILE B 32 -11.81 2.22 -17.28
C ILE B 32 -11.32 0.99 -18.04
N ILE B 33 -10.01 0.85 -18.24
CA ILE B 33 -9.45 -0.27 -19.00
C ILE B 33 -8.88 -1.28 -18.00
N LEU B 34 -9.56 -2.42 -17.84
N LEU B 34 -9.60 -2.38 -17.78
CA LEU B 34 -9.18 -3.42 -16.85
CA LEU B 34 -9.01 -3.52 -17.08
C LEU B 34 -8.68 -4.75 -17.42
C LEU B 34 -7.88 -4.05 -17.96
N ASN B 35 -8.56 -4.86 -18.74
N ASN B 35 -6.63 -3.80 -17.56
CA ASN B 35 -8.12 -6.11 -19.34
CA ASN B 35 -5.49 -4.02 -18.45
C ASN B 35 -6.62 -6.28 -19.13
C ASN B 35 -5.53 -5.39 -19.09
N ARG B 36 -6.18 -7.54 -18.99
N ARG B 36 -5.23 -6.44 -18.32
CA ARG B 36 -4.80 -7.81 -18.67
CA ARG B 36 -5.27 -7.81 -18.80
C ARG B 36 -4.05 -8.59 -19.74
C ARG B 36 -4.39 -8.00 -20.04
N ASN B 37 -4.71 -9.03 -20.82
CA ASN B 37 -3.92 -9.49 -21.95
C ASN B 37 -3.57 -8.35 -22.91
N MET B 38 -2.27 -8.27 -23.24
CA MET B 38 -1.77 -7.28 -24.19
C MET B 38 -2.23 -7.55 -25.61
N ASN B 39 -2.64 -8.78 -25.92
CA ASN B 39 -3.14 -9.17 -27.24
C ASN B 39 -4.63 -8.90 -27.43
N ASP B 40 -5.33 -8.44 -26.41
CA ASP B 40 -6.77 -8.20 -26.49
C ASP B 40 -7.02 -6.72 -26.78
N ILE B 41 -7.80 -6.43 -27.84
CA ILE B 41 -8.05 -5.03 -28.19
C ILE B 41 -8.78 -4.30 -27.08
N TRP B 42 -9.48 -5.01 -26.20
CA TRP B 42 -10.17 -4.30 -25.13
C TRP B 42 -9.22 -3.92 -24.00
N SER B 43 -7.93 -4.22 -24.17
CA SER B 43 -6.93 -3.68 -23.27
C SER B 43 -6.30 -2.43 -23.83
N ALA B 44 -6.71 -2.00 -25.02
CA ALA B 44 -6.09 -0.90 -25.72
C ALA B 44 -6.89 0.38 -25.51
N LEU B 45 -6.25 1.49 -25.85
CA LEU B 45 -6.95 2.74 -26.07
C LEU B 45 -6.65 3.18 -27.49
N LEU B 46 -7.46 4.09 -28.00
CA LEU B 46 -7.36 4.53 -29.39
C LEU B 46 -6.97 6.01 -29.41
N ILE B 47 -5.87 6.33 -30.08
CA ILE B 47 -5.48 7.72 -30.25
C ILE B 47 -5.66 8.07 -31.70
N GLU B 48 -6.02 9.32 -31.96
CA GLU B 48 -6.16 9.81 -33.31
CA GLU B 48 -6.20 9.83 -33.31
C GLU B 48 -5.59 11.22 -33.39
N VAL B 49 -4.67 11.41 -34.32
CA VAL B 49 -4.15 12.73 -34.64
C VAL B 49 -5.06 13.35 -35.69
N LYS B 50 -5.61 14.53 -35.40
CA LYS B 50 -6.47 15.25 -36.33
C LYS B 50 -6.01 16.71 -36.31
N LYS B 51 -5.27 17.10 -37.34
CA LYS B 51 -4.67 18.44 -37.45
C LYS B 51 -3.79 18.65 -36.22
N SER B 52 -4.05 19.65 -35.38
CA SER B 52 -3.20 19.95 -34.23
CA SER B 52 -3.19 19.94 -34.23
C SER B 52 -3.82 19.48 -32.92
N ASN B 53 -4.66 18.46 -32.97
CA ASN B 53 -5.28 17.94 -31.76
C ASN B 53 -5.04 16.44 -31.69
N LEU B 54 -4.82 15.94 -30.48
CA LEU B 54 -4.81 14.51 -30.22
C LEU B 54 -6.10 14.14 -29.49
N ILE B 55 -6.83 13.18 -30.05
CA ILE B 55 -8.04 12.67 -29.43
C ILE B 55 -7.75 11.29 -28.89
N ILE B 56 -7.97 11.12 -27.59
CA ILE B 56 -7.74 9.85 -26.92
C ILE B 56 -9.09 9.25 -26.59
N LYS B 57 -9.32 8.03 -27.04
CA LYS B 57 -10.57 7.33 -26.76
C LYS B 57 -10.29 6.05 -25.98
N SER B 58 -11.14 5.80 -24.98
CA SER B 58 -11.09 4.55 -24.26
C SER B 58 -12.52 4.13 -23.93
N THR B 59 -12.71 2.83 -23.79
CA THR B 59 -14.03 2.29 -23.45
C THR B 59 -13.86 0.94 -22.77
N ASP B 60 -14.81 0.63 -21.90
CA ASP B 60 -14.99 -0.71 -21.35
C ASP B 60 -16.16 -1.44 -22.00
N ARG B 61 -16.64 -0.91 -23.12
CA ARG B 61 -17.75 -1.36 -23.94
C ARG B 61 -19.08 -0.95 -23.31
N ASN B 62 -19.07 -0.27 -22.16
CA ASN B 62 -20.28 0.39 -21.66
C ASN B 62 -20.09 1.90 -21.53
N ILE B 63 -19.03 2.31 -20.86
CA ILE B 63 -18.63 3.71 -20.75
C ILE B 63 -17.72 4.04 -21.92
N PHE B 64 -17.97 5.17 -22.58
CA PHE B 64 -17.19 5.63 -23.71
C PHE B 64 -16.60 6.96 -23.33
N PHE B 65 -15.29 7.08 -23.42
CA PHE B 65 -14.55 8.23 -22.94
C PHE B 65 -13.75 8.84 -24.08
N GLU B 66 -13.71 10.17 -24.13
CA GLU B 66 -12.91 10.83 -25.15
C GLU B 66 -12.35 12.12 -24.57
N SER B 67 -11.07 12.37 -24.84
CA SER B 67 -10.39 13.59 -24.41
C SER B 67 -9.56 14.13 -25.57
N THR B 68 -9.25 15.42 -25.49
CA THR B 68 -8.46 16.06 -26.53
C THR B 68 -7.42 16.97 -25.90
N ILE B 69 -6.23 17.00 -26.51
CA ILE B 69 -5.16 17.91 -26.12
C ILE B 69 -4.52 18.45 -27.40
N SER B 70 -3.84 19.59 -27.26
CA SER B 70 -3.18 20.22 -28.38
C SER B 70 -1.82 19.55 -28.63
N ILE B 71 -1.48 19.37 -29.90
CA ILE B 71 -0.22 18.76 -30.31
C ILE B 71 0.31 19.52 -31.51
N VAL B 72 1.49 19.13 -31.99
CA VAL B 72 2.00 19.58 -33.28
C VAL B 72 2.13 18.35 -34.17
N SER B 73 1.51 18.41 -35.35
CA SER B 73 1.58 17.32 -36.30
C SER B 73 1.40 17.88 -37.70
N GLU B 74 1.56 17.00 -38.68
CA GLU B 74 1.44 17.38 -40.08
C GLU B 74 0.51 16.43 -40.83
N THR B 75 0.43 15.19 -40.39
CA THR B 75 -0.44 14.21 -41.01
C THR B 75 -1.39 13.62 -39.97
N ASP B 76 -2.53 13.14 -40.45
CA ASP B 76 -3.55 12.53 -39.60
C ASP B 76 -3.41 11.02 -39.64
N PHE B 77 -3.60 10.40 -38.48
CA PHE B 77 -3.55 8.95 -38.39
C PHE B 77 -4.18 8.54 -37.07
N LYS B 78 -4.43 7.24 -36.94
CA LYS B 78 -4.96 6.64 -35.74
C LYS B 78 -4.09 5.46 -35.34
N VAL B 79 -4.04 5.20 -34.04
CA VAL B 79 -3.30 4.05 -33.52
C VAL B 79 -4.10 3.43 -32.41
N LEU B 80 -4.30 2.12 -32.47
CA LEU B 80 -4.87 1.33 -31.38
C LEU B 80 -3.70 0.68 -30.65
N ILE B 81 -3.55 0.97 -29.36
CA ILE B 81 -2.36 0.51 -28.63
C ILE B 81 -2.74 0.13 -27.20
N ASN B 82 -2.17 -0.97 -26.72
CA ASN B 82 -2.36 -1.41 -25.33
C ASN B 82 -2.15 -0.24 -24.38
N ALA B 83 -3.15 0.02 -23.53
CA ALA B 83 -3.15 1.26 -22.75
C ALA B 83 -2.04 1.25 -21.71
N SER B 84 -1.85 0.12 -21.02
CA SER B 84 -0.83 0.06 -19.97
C SER B 84 0.58 0.25 -20.54
N ASN B 85 0.88 -0.37 -21.68
CA ASN B 85 2.20 -0.19 -22.29
C ASN B 85 2.41 1.26 -22.74
N PHE B 86 1.39 1.87 -23.33
CA PHE B 86 1.52 3.26 -23.76
C PHE B 86 1.76 4.18 -22.57
N TYR B 87 1.01 3.96 -21.48
CA TYR B 87 1.25 4.73 -20.27
C TYR B 87 2.67 4.55 -19.77
N ASP B 88 3.15 3.30 -19.73
CA ASP B 88 4.52 3.06 -19.27
C ASP B 88 5.55 3.78 -20.14
N ALA B 89 5.35 3.77 -21.46
CA ALA B 89 6.26 4.45 -22.37
C ALA B 89 6.37 5.93 -22.04
N VAL B 90 5.23 6.60 -21.91
CA VAL B 90 5.24 8.03 -21.65
C VAL B 90 5.81 8.33 -20.26
N LYS B 91 5.50 7.49 -19.28
CA LYS B 91 6.15 7.58 -17.96
C LYS B 91 7.65 7.41 -18.07
N ALA B 92 8.08 6.44 -18.87
CA ALA B 92 9.52 6.19 -19.01
C ALA B 92 10.25 7.44 -19.50
N PHE B 93 9.59 8.27 -20.32
CA PHE B 93 10.22 9.46 -20.87
C PHE B 93 9.80 10.75 -20.17
N ASN B 94 9.35 10.66 -18.91
CA ASN B 94 8.91 11.85 -18.21
C ASN B 94 10.03 12.86 -17.98
N PHE B 95 11.28 12.48 -18.21
CA PHE B 95 12.32 13.49 -18.05
C PHE B 95 12.49 14.36 -19.30
N TYR B 96 11.75 14.10 -20.38
CA TYR B 96 11.72 15.00 -21.52
C TYR B 96 10.49 15.91 -21.40
N LYS B 97 10.70 17.21 -21.59
CA LYS B 97 9.58 18.14 -21.55
C LYS B 97 8.61 17.88 -22.69
N LYS B 98 9.14 17.54 -23.86
CA LYS B 98 8.35 17.21 -25.03
C LYS B 98 8.89 15.92 -25.64
N ILE B 99 8.00 15.16 -26.26
CA ILE B 99 8.40 13.95 -26.95
C ILE B 99 7.84 13.94 -28.36
N LYS B 100 8.53 13.22 -29.22
CA LYS B 100 8.11 12.97 -30.59
C LYS B 100 7.63 11.54 -30.65
N ILE B 101 6.39 11.34 -31.10
CA ILE B 101 5.81 10.01 -31.23
C ILE B 101 5.61 9.72 -32.70
N VAL B 102 6.28 8.68 -33.19
CA VAL B 102 6.29 8.33 -34.61
C VAL B 102 5.56 7.01 -34.77
N PHE B 103 4.60 6.97 -35.70
CA PHE B 103 3.85 5.75 -35.97
C PHE B 103 4.40 5.10 -37.23
N ASN B 104 4.82 3.87 -37.12
CA ASN B 104 5.31 3.10 -38.26
C ASN B 104 4.33 1.96 -38.54
N GLU B 105 3.42 2.17 -39.49
CA GLU B 105 2.53 1.09 -39.89
C GLU B 105 3.30 -0.04 -40.58
N ASN B 106 4.45 0.26 -41.19
CA ASN B 106 5.27 -0.79 -41.80
C ASN B 106 5.78 -1.79 -40.77
N ASN B 107 5.82 -1.41 -39.50
CA ASN B 107 6.22 -2.31 -38.43
C ASN B 107 5.13 -2.48 -37.39
N SER B 108 3.97 -1.83 -37.59
CA SER B 108 2.93 -1.79 -36.58
C SER B 108 3.53 -1.42 -35.22
N LYS B 109 4.22 -0.29 -35.21
CA LYS B 109 4.93 0.12 -34.01
C LYS B 109 4.84 1.63 -33.81
N LEU B 110 4.65 2.02 -32.55
CA LEU B 110 4.76 3.40 -32.10
C LEU B 110 6.15 3.56 -31.51
N GLU B 111 6.91 4.52 -32.02
CA GLU B 111 8.26 4.81 -31.58
C GLU B 111 8.30 6.19 -30.93
N ILE B 112 8.97 6.29 -29.80
CA ILE B 112 9.01 7.51 -29.01
C ILE B 112 10.45 7.96 -28.82
N MET B 113 10.68 9.26 -28.98
CA MET B 113 12.00 9.85 -28.81
C MET B 113 11.86 11.22 -28.19
N GLY B 114 12.96 11.69 -27.59
CA GLY B 114 13.01 13.07 -27.14
C GLY B 114 12.99 14.01 -28.34
N GLU B 115 12.32 15.15 -28.17
CA GLU B 115 12.20 16.11 -29.28
C GLU B 115 13.48 16.89 -29.56
N GLU B 122 22.95 10.73 -33.08
CA GLU B 122 22.73 9.29 -32.93
C GLU B 122 22.98 8.87 -31.49
N TYR B 123 22.63 7.62 -31.18
CA TYR B 123 22.65 7.07 -29.83
C TYR B 123 21.83 7.96 -28.88
N GLU B 124 20.51 7.88 -29.06
CA GLU B 124 19.58 8.66 -28.25
C GLU B 124 18.54 7.72 -27.66
N ASP B 125 17.98 8.12 -26.51
CA ASP B 125 16.98 7.29 -25.87
C ASP B 125 15.84 7.07 -26.85
N HIS B 126 15.28 5.85 -26.85
CA HIS B 126 14.34 5.46 -27.89
C HIS B 126 13.48 4.33 -27.35
N LEU B 127 12.17 4.40 -27.61
CA LEU B 127 11.22 3.36 -27.22
C LEU B 127 10.47 2.85 -28.43
N LYS B 128 10.16 1.56 -28.42
CA LYS B 128 9.40 0.91 -29.47
C LYS B 128 8.25 0.16 -28.82
N GLU B 129 7.02 0.54 -29.17
CA GLU B 129 5.78 -0.01 -28.60
C GLU B 129 4.97 -0.70 -29.68
N PRO B 130 4.73 -2.00 -29.61
CA PRO B 130 3.89 -2.65 -30.62
C PRO B 130 2.45 -2.15 -30.54
N THR B 131 1.80 -2.08 -31.71
CA THR B 131 0.42 -1.61 -31.79
C THR B 131 -0.44 -2.70 -32.40
N PHE B 132 -1.76 -2.54 -32.27
CA PHE B 132 -2.65 -3.46 -32.96
C PHE B 132 -2.73 -3.11 -34.43
N SER B 133 -3.24 -4.05 -35.23
CA SER B 133 -3.43 -3.76 -36.63
C SER B 133 -4.51 -2.70 -36.83
N TYR B 134 -4.36 -1.92 -37.90
CA TYR B 134 -5.36 -0.91 -38.22
C TYR B 134 -6.73 -1.54 -38.45
N GLU B 135 -6.77 -2.81 -38.86
CA GLU B 135 -8.04 -3.49 -39.09
C GLU B 135 -8.86 -3.66 -37.82
N GLU B 136 -8.24 -3.57 -36.64
CA GLU B 136 -8.98 -3.69 -35.41
C GLU B 136 -9.65 -2.37 -34.99
N ILE B 137 -9.29 -1.25 -35.60
CA ILE B 137 -9.75 0.04 -35.10
C ILE B 137 -11.27 0.15 -35.18
N GLU B 138 -11.86 -0.31 -36.29
CA GLU B 138 -13.32 -0.25 -36.42
C GLU B 138 -14.02 -1.02 -35.31
N ASN B 139 -13.41 -2.09 -34.79
CA ASN B 139 -14.02 -2.84 -33.69
C ASN B 139 -14.08 -2.01 -32.41
N TYR B 140 -13.14 -1.10 -32.21
CA TYR B 140 -13.00 -0.32 -30.99
C TYR B 140 -13.68 1.04 -31.09
N ASN B 141 -13.59 1.69 -32.26
CA ASN B 141 -13.92 3.10 -32.40
C ASN B 141 -15.40 3.35 -32.07
N TYR B 142 -15.65 4.51 -31.48
CA TYR B 142 -17.00 4.97 -31.13
C TYR B 142 -17.05 6.47 -31.39
N ASP B 143 -18.12 6.93 -31.99
CA ASP B 143 -18.27 8.34 -32.31
C ASP B 143 -19.25 8.97 -31.33
N MET B 144 -18.80 10.03 -30.66
CA MET B 144 -19.61 10.66 -29.61
C MET B 144 -20.67 11.59 -30.18
N VAL B 145 -20.64 11.86 -31.48
CA VAL B 145 -21.65 12.72 -32.09
C VAL B 145 -23.03 12.08 -31.90
N ASN B 146 -23.88 12.75 -31.14
CA ASN B 146 -25.20 12.19 -30.87
C ASN B 146 -26.18 13.32 -30.62
N GLU B 147 -27.18 13.43 -31.50
CA GLU B 147 -28.31 14.32 -31.30
C GLU B 147 -29.50 13.59 -30.71
N ASP B 148 -29.33 12.35 -30.27
CA ASP B 148 -30.42 11.62 -29.66
C ASP B 148 -30.73 12.13 -28.27
N TYR B 149 -29.90 13.02 -27.74
CA TYR B 149 -30.10 13.55 -26.41
C TYR B 149 -31.23 14.57 -26.45
N THR B 150 -32.20 14.40 -25.55
CA THR B 150 -33.41 15.19 -25.56
C THR B 150 -33.32 16.45 -24.72
N PHE B 151 -32.49 16.45 -23.68
CA PHE B 151 -32.38 17.62 -22.82
C PHE B 151 -31.12 17.53 -21.99
N GLY B 152 -30.60 18.70 -21.62
CA GLY B 152 -29.36 18.78 -20.88
C GLY B 152 -29.47 19.79 -19.76
N ILE B 153 -28.62 19.60 -18.76
CA ILE B 153 -28.52 20.54 -17.65
C ILE B 153 -27.05 20.80 -17.37
N GLU B 154 -26.80 21.90 -16.66
CA GLU B 154 -25.47 22.34 -16.30
C GLU B 154 -25.34 22.49 -14.81
N ILE B 155 -24.23 22.01 -14.26
CA ILE B 155 -23.95 22.12 -12.83
C ILE B 155 -22.48 22.47 -12.67
N LYS B 156 -22.16 23.17 -11.59
CA LYS B 156 -20.77 23.53 -11.34
C LYS B 156 -19.99 22.29 -10.94
N GLN B 157 -18.74 22.20 -11.42
CA GLN B 157 -17.92 21.02 -11.14
C GLN B 157 -17.79 20.79 -9.64
N LYS B 158 -17.51 21.85 -8.88
CA LYS B 158 -17.35 21.70 -7.44
C LYS B 158 -18.60 21.10 -6.81
N SER B 159 -19.77 21.59 -7.24
CA SER B 159 -21.03 21.07 -6.71
C SER B 159 -21.23 19.61 -7.12
N PHE B 160 -21.00 19.29 -8.38
CA PHE B 160 -21.20 17.92 -8.86
C PHE B 160 -20.24 16.95 -8.16
N LYS B 161 -18.99 17.38 -7.93
CA LYS B 161 -18.03 16.51 -7.25
C LYS B 161 -18.50 16.18 -5.85
N LYS B 162 -19.01 17.17 -5.13
CA LYS B 162 -19.54 16.93 -3.79
C LYS B 162 -20.73 15.98 -3.82
N VAL B 163 -21.65 16.18 -4.77
CA VAL B 163 -22.80 15.29 -4.89
C VAL B 163 -22.36 13.86 -5.17
N ILE B 164 -21.44 13.69 -6.12
CA ILE B 164 -20.94 12.36 -6.41
C ILE B 164 -20.35 11.73 -5.16
N ASN B 165 -19.56 12.51 -4.42
CA ASN B 165 -18.96 12.01 -3.20
C ASN B 165 -20.02 11.54 -2.21
N ARG B 166 -21.19 12.17 -2.23
CA ARG B 166 -22.21 11.79 -1.27
C ARG B 166 -23.08 10.64 -1.73
N ILE B 167 -23.03 10.30 -3.01
CA ILE B 167 -23.97 9.37 -3.61
C ILE B 167 -23.30 8.05 -4.01
N ALA B 168 -22.09 8.11 -4.56
CA ALA B 168 -21.53 6.93 -5.23
C ALA B 168 -21.38 5.75 -4.28
N PHE B 169 -20.83 6.00 -3.07
CA PHE B 169 -20.54 4.88 -2.17
C PHE B 169 -21.79 4.11 -1.75
N SER B 170 -22.98 4.72 -1.82
CA SER B 170 -24.20 4.03 -1.40
C SER B 170 -24.76 3.07 -2.44
N ALA B 171 -24.37 3.19 -3.71
CA ALA B 171 -24.90 2.29 -4.72
C ALA B 171 -24.48 0.86 -4.42
N HIS B 172 -25.33 -0.10 -4.79
CA HIS B 172 -24.97 -1.51 -4.62
C HIS B 172 -23.71 -1.83 -5.43
N LEU B 173 -22.83 -2.66 -4.85
CA LEU B 173 -21.55 -2.89 -5.50
C LEU B 173 -21.62 -3.92 -6.63
N ASP B 174 -22.66 -4.73 -6.65
CA ASP B 174 -22.80 -5.81 -7.64
C ASP B 174 -23.44 -5.25 -8.91
N GLU B 175 -22.65 -5.15 -10.00
CA GLU B 175 -23.11 -4.61 -11.27
C GLU B 175 -24.17 -5.48 -11.94
N SER B 176 -24.31 -6.74 -11.53
CA SER B 176 -25.37 -7.57 -12.10
C SER B 176 -26.75 -7.22 -11.54
N LYS B 177 -26.80 -6.65 -10.34
CA LYS B 177 -28.03 -6.09 -9.79
C LYS B 177 -28.22 -4.72 -10.42
N ASN B 178 -28.88 -4.69 -11.59
CA ASN B 178 -28.78 -3.51 -12.45
C ASN B 178 -29.27 -2.27 -11.72
N VAL B 179 -30.47 -2.32 -11.15
CA VAL B 179 -31.11 -1.10 -10.66
C VAL B 179 -30.39 -0.57 -9.43
N LEU B 180 -30.14 -1.43 -8.44
CA LEU B 180 -29.53 -0.93 -7.21
C LEU B 180 -28.08 -0.51 -7.40
N ASN B 181 -27.44 -0.97 -8.47
CA ASN B 181 -26.09 -0.54 -8.82
C ASN B 181 -26.10 0.83 -9.49
N GLY B 182 -27.27 1.41 -9.73
CA GLY B 182 -27.37 2.68 -10.40
C GLY B 182 -27.57 3.87 -9.48
N VAL B 183 -27.25 5.05 -10.00
CA VAL B 183 -27.62 6.31 -9.37
C VAL B 183 -28.90 6.80 -10.02
N TYR B 184 -29.91 7.08 -9.21
CA TYR B 184 -31.22 7.49 -9.70
C TYR B 184 -31.27 9.01 -9.75
N PHE B 185 -31.58 9.55 -10.92
CA PHE B 185 -31.79 10.98 -11.12
C PHE B 185 -33.28 11.26 -11.08
N SER B 186 -33.69 12.16 -10.20
CA SER B 186 -35.09 12.50 -10.02
C SER B 186 -35.18 14.00 -9.71
N LYS B 187 -36.40 14.43 -9.39
CA LYS B 187 -36.70 15.80 -9.04
C LYS B 187 -37.66 15.80 -7.86
N ASP B 188 -37.37 16.62 -6.86
CA ASP B 188 -38.28 16.67 -5.73
C ASP B 188 -39.47 17.57 -6.06
N GLU B 189 -40.32 17.78 -5.06
CA GLU B 189 -41.53 18.58 -5.24
C GLU B 189 -41.22 20.02 -5.63
N ASP B 190 -40.06 20.53 -5.20
CA ASP B 190 -39.67 21.91 -5.51
C ASP B 190 -38.94 22.02 -6.84
N SER B 191 -38.91 20.94 -7.63
CA SER B 191 -38.34 20.88 -8.97
C SER B 191 -36.81 20.98 -9.00
N LYS B 192 -36.14 20.64 -7.90
CA LYS B 192 -34.68 20.64 -7.91
C LYS B 192 -34.20 19.23 -8.26
N LEU B 193 -33.17 19.16 -9.11
CA LEU B 193 -32.61 17.88 -9.50
C LEU B 193 -32.07 17.19 -8.26
N LEU B 194 -32.34 15.90 -8.16
CA LEU B 194 -32.02 15.13 -6.96
C LEU B 194 -31.45 13.77 -7.36
N LEU B 195 -30.42 13.33 -6.63
CA LEU B 195 -29.80 12.03 -6.87
C LEU B 195 -30.04 11.12 -5.66
N VAL B 196 -30.24 9.84 -5.93
CA VAL B 196 -30.41 8.87 -4.86
CA VAL B 196 -30.53 8.82 -4.92
C VAL B 196 -29.69 7.58 -5.23
N SER B 197 -29.15 6.93 -4.21
CA SER B 197 -28.47 5.66 -4.38
C SER B 197 -28.67 4.82 -3.12
N THR B 198 -28.71 3.50 -3.29
CA THR B 198 -28.89 2.58 -2.17
C THR B 198 -28.41 1.19 -2.56
N ASN B 199 -28.07 0.39 -1.54
CA ASN B 199 -27.81 -1.04 -1.76
C ASN B 199 -28.88 -1.89 -1.10
N GLY B 200 -29.96 -1.28 -0.62
CA GLY B 200 -30.99 -1.97 0.13
C GLY B 200 -30.85 -1.85 1.64
N HIS B 201 -29.65 -1.53 2.15
CA HIS B 201 -29.45 -1.37 3.58
C HIS B 201 -29.08 0.04 3.98
N ARG B 202 -28.42 0.77 3.10
CA ARG B 202 -28.10 2.17 3.32
C ARG B 202 -28.41 2.94 2.04
N MET B 203 -28.68 4.23 2.20
CA MET B 203 -29.18 5.02 1.08
C MET B 203 -28.75 6.46 1.22
N SER B 204 -28.30 7.05 0.12
CA SER B 204 -28.01 8.48 0.06
C SER B 204 -29.08 9.16 -0.77
N ILE B 205 -29.52 10.33 -0.31
CA ILE B 205 -30.44 11.20 -1.04
C ILE B 205 -29.81 12.57 -1.04
N CYS B 206 -29.45 13.07 -2.22
CA CYS B 206 -28.74 14.35 -2.32
C CYS B 206 -29.44 15.24 -3.34
N LYS B 207 -29.95 16.36 -2.86
CA LYS B 207 -30.58 17.37 -3.69
C LYS B 207 -29.49 18.32 -4.18
N THR B 208 -29.63 18.78 -5.42
CA THR B 208 -28.70 19.75 -5.97
C THR B 208 -29.27 21.15 -5.86
N GLU B 209 -28.51 22.12 -6.35
CA GLU B 209 -29.00 23.48 -6.44
C GLU B 209 -29.64 23.76 -7.79
N VAL B 210 -29.64 22.78 -8.69
CA VAL B 210 -30.04 22.97 -10.08
C VAL B 210 -31.54 22.81 -10.25
N ILE B 211 -32.17 23.79 -10.85
CA ILE B 211 -33.60 23.76 -11.14
C ILE B 211 -33.79 23.21 -12.55
N VAL B 212 -34.65 22.20 -12.67
CA VAL B 212 -34.83 21.46 -13.93
C VAL B 212 -36.32 21.46 -14.28
N GLU B 213 -36.66 21.98 -15.47
CA GLU B 213 -38.06 22.01 -15.87
C GLU B 213 -38.56 20.66 -16.40
N GLU B 214 -37.73 19.94 -17.14
CA GLU B 214 -38.16 18.71 -17.81
C GLU B 214 -38.39 17.58 -16.80
N ASP B 215 -38.98 16.49 -17.29
CA ASP B 215 -39.15 15.28 -16.49
C ASP B 215 -37.82 14.56 -16.34
N VAL B 216 -37.56 14.05 -15.13
CA VAL B 216 -36.30 13.39 -14.81
C VAL B 216 -36.61 12.05 -14.15
N ASN B 217 -36.22 10.96 -14.81
CA ASN B 217 -36.44 9.60 -14.32
C ASN B 217 -35.43 8.65 -14.97
N PHE B 218 -34.18 8.69 -14.52
CA PHE B 218 -33.10 7.99 -15.19
C PHE B 218 -32.25 7.26 -14.16
N ILE B 219 -31.76 6.09 -14.53
CA ILE B 219 -30.89 5.27 -13.68
C ILE B 219 -29.56 5.07 -14.42
N VAL B 220 -28.49 5.60 -13.86
CA VAL B 220 -27.16 5.55 -14.49
C VAL B 220 -26.26 4.65 -13.66
N PRO B 221 -25.59 3.66 -14.24
CA PRO B 221 -24.68 2.80 -13.46
C PRO B 221 -23.65 3.64 -12.74
N VAL B 222 -23.35 3.22 -11.49
CA VAL B 222 -22.51 4.05 -10.63
C VAL B 222 -21.09 4.16 -11.18
N LYS B 223 -20.62 3.18 -11.95
CA LYS B 223 -19.21 3.16 -12.34
C LYS B 223 -18.78 4.46 -12.99
N ILE B 224 -19.64 5.05 -13.83
CA ILE B 224 -19.22 6.30 -14.50
C ILE B 224 -18.96 7.39 -13.47
N PHE B 225 -19.67 7.37 -12.33
CA PHE B 225 -19.46 8.42 -11.35
C PHE B 225 -18.18 8.18 -10.57
N ASN B 226 -17.87 6.91 -10.26
CA ASN B 226 -16.57 6.61 -9.68
C ASN B 226 -15.46 7.08 -10.61
N PHE B 227 -15.63 6.89 -11.92
CA PHE B 227 -14.69 7.37 -12.92
C PHE B 227 -14.61 8.89 -12.92
N LEU B 228 -15.76 9.55 -12.90
CA LEU B 228 -15.84 11.00 -13.06
C LEU B 228 -15.13 11.76 -11.95
N LYS B 229 -15.21 11.29 -10.71
CA LYS B 229 -14.68 12.09 -9.63
CA LYS B 229 -14.67 12.05 -9.59
C LYS B 229 -13.17 12.25 -9.72
N HIS B 230 -12.49 11.31 -10.38
CA HIS B 230 -11.07 11.45 -10.65
C HIS B 230 -10.79 12.43 -11.78
N LEU B 231 -11.76 12.67 -12.67
CA LEU B 231 -11.52 13.46 -13.87
C LEU B 231 -11.76 14.94 -13.68
N MET B 232 -12.65 15.31 -12.76
CA MET B 232 -13.12 16.68 -12.67
C MET B 232 -12.14 17.56 -11.89
N SER B 233 -11.71 18.65 -12.53
CA SER B 233 -10.75 19.56 -11.91
C SER B 233 -11.38 20.30 -10.73
N GLY B 234 -12.69 20.53 -10.76
CA GLY B 234 -13.35 21.31 -9.74
C GLY B 234 -13.63 22.76 -10.11
N GLU B 235 -13.08 23.25 -11.22
CA GLU B 235 -13.35 24.60 -11.68
C GLU B 235 -14.14 24.54 -12.99
N GLY B 236 -15.15 25.39 -13.11
CA GLY B 236 -15.95 25.45 -14.33
C GLY B 236 -17.25 24.68 -14.24
N MET B 237 -17.85 24.50 -15.40
CA MET B 237 -19.18 23.90 -15.54
C MET B 237 -19.09 22.47 -16.07
N VAL B 238 -20.16 21.72 -15.82
CA VAL B 238 -20.35 20.37 -16.31
C VAL B 238 -21.67 20.33 -17.04
N LYS B 239 -21.67 19.85 -18.27
CA LYS B 239 -22.91 19.67 -19.01
C LYS B 239 -23.31 18.21 -18.97
N ILE B 240 -24.53 17.96 -18.54
CA ILE B 240 -25.10 16.62 -18.50
C ILE B 240 -26.24 16.59 -19.50
N LYS B 241 -26.37 15.49 -20.23
CA LYS B 241 -27.47 15.31 -21.16
C LYS B 241 -28.01 13.91 -20.96
N PHE B 242 -29.32 13.76 -21.10
CA PHE B 242 -29.98 12.46 -21.01
C PHE B 242 -30.78 12.21 -22.28
N SER B 243 -30.82 10.96 -22.69
CA SER B 243 -31.73 10.54 -23.73
C SER B 243 -32.60 9.43 -23.15
N ASP B 244 -33.39 8.79 -24.01
CA ASP B 244 -34.17 7.64 -23.56
C ASP B 244 -33.25 6.52 -23.12
N LYS B 245 -32.08 6.38 -23.76
CA LYS B 245 -31.20 5.24 -23.55
C LYS B 245 -29.81 5.59 -23.07
N LYS B 246 -29.38 6.85 -23.12
CA LYS B 246 -27.99 7.19 -22.87
C LYS B 246 -27.88 8.37 -21.90
N PHE B 247 -26.72 8.42 -21.26
CA PHE B 247 -26.31 9.46 -20.32
C PHE B 247 -24.98 10.03 -20.81
N TYR B 248 -24.84 11.35 -20.77
CA TYR B 248 -23.69 12.01 -21.36
C TYR B 248 -23.24 13.19 -20.50
N VAL B 249 -21.93 13.29 -20.29
CA VAL B 249 -21.34 14.39 -19.54
CA VAL B 249 -21.32 14.37 -19.53
C VAL B 249 -20.24 15.00 -20.40
N GLU B 250 -20.08 16.31 -20.30
CA GLU B 250 -18.96 16.94 -20.97
C GLU B 250 -18.49 18.11 -20.12
N PHE B 251 -17.18 18.25 -20.00
CA PHE B 251 -16.56 19.25 -19.15
C PHE B 251 -15.08 19.28 -19.47
N ASP B 252 -14.47 20.46 -19.30
CA ASP B 252 -13.07 20.70 -19.65
C ASP B 252 -12.82 20.16 -21.05
N ASN B 253 -11.84 19.25 -21.21
CA ASN B 253 -11.53 18.68 -22.50
C ASN B 253 -12.02 17.24 -22.62
N TYR B 254 -13.09 16.88 -21.90
CA TYR B 254 -13.57 15.51 -21.82
C TYR B 254 -15.01 15.38 -22.29
N LYS B 255 -15.30 14.23 -22.88
CA LYS B 255 -16.66 13.81 -23.18
C LYS B 255 -16.80 12.36 -22.74
N ILE B 256 -17.87 12.04 -22.01
CA ILE B 256 -18.09 10.69 -21.51
C ILE B 256 -19.56 10.34 -21.68
N ALA B 257 -19.82 9.07 -22.01
CA ALA B 257 -21.17 8.59 -22.21
C ALA B 257 -21.25 7.15 -21.75
N CYS B 258 -22.45 6.73 -21.38
CA CYS B 258 -22.74 5.34 -21.07
C CYS B 258 -24.24 5.14 -21.27
N SER B 259 -24.66 3.88 -21.16
CA SER B 259 -26.05 3.49 -21.30
C SER B 259 -26.78 3.67 -19.98
N LEU B 260 -28.07 4.00 -20.09
CA LEU B 260 -28.91 4.02 -18.89
C LEU B 260 -29.35 2.61 -18.54
N ILE B 261 -29.75 2.41 -17.29
CA ILE B 261 -30.37 1.17 -16.88
C ILE B 261 -31.87 1.30 -17.15
N ASN B 262 -32.40 0.37 -17.95
CA ASN B 262 -33.82 0.32 -18.21
C ASN B 262 -34.48 -0.46 -17.08
N GLY B 263 -35.12 0.27 -16.17
CA GLY B 263 -35.87 -0.37 -15.10
C GLY B 263 -36.58 0.68 -14.28
N ASN B 264 -37.22 0.23 -13.22
CA ASN B 264 -37.92 1.11 -12.30
C ASN B 264 -37.17 1.15 -10.98
N TYR B 265 -36.63 2.31 -10.65
CA TYR B 265 -35.94 2.48 -9.38
C TYR B 265 -36.96 2.38 -8.25
N PRO B 266 -36.55 1.82 -7.11
CA PRO B 266 -37.50 1.64 -6.00
C PRO B 266 -38.06 2.98 -5.54
N ASP B 267 -39.22 2.90 -4.89
CA ASP B 267 -39.92 4.07 -4.38
C ASP B 267 -39.19 4.63 -3.16
N TYR B 268 -38.06 5.30 -3.38
CA TYR B 268 -37.26 5.81 -2.26
C TYR B 268 -38.05 6.80 -1.41
N LYS B 269 -38.96 7.57 -2.01
CA LYS B 269 -39.67 8.58 -1.23
C LYS B 269 -40.44 7.95 -0.08
N SER B 270 -40.93 6.72 -0.26
CA SER B 270 -41.80 6.14 0.77
C SER B 270 -41.05 5.81 2.06
N ILE B 271 -39.72 5.63 1.99
CA ILE B 271 -38.98 5.25 3.19
C ILE B 271 -38.36 6.44 3.92
N ILE B 272 -38.44 7.65 3.36
CA ILE B 272 -37.94 8.82 4.06
C ILE B 272 -38.75 8.98 5.35
N PRO B 273 -38.12 9.02 6.51
CA PRO B 273 -38.87 9.16 7.75
C PRO B 273 -39.49 10.54 7.88
N LYS B 274 -40.69 10.59 8.45
CA LYS B 274 -41.39 11.87 8.58
C LYS B 274 -40.96 12.64 9.83
N GLU B 275 -41.23 12.08 11.00
CA GLU B 275 -40.82 12.69 12.27
C GLU B 275 -40.17 11.61 13.10
N GLN B 276 -38.99 11.92 13.66
CA GLN B 276 -38.22 10.94 14.40
C GLN B 276 -38.11 11.37 15.85
N LYS B 277 -38.41 10.45 16.76
CA LYS B 277 -38.55 10.80 18.17
C LYS B 277 -37.20 11.11 18.80
N ASN B 278 -36.17 10.32 18.47
CA ASN B 278 -34.88 10.39 19.16
C ASN B 278 -33.85 11.10 18.30
N LYS B 279 -33.30 12.19 18.82
CA LYS B 279 -32.38 13.03 18.05
C LYS B 279 -31.11 13.22 18.84
N SER B 280 -29.97 13.04 18.18
CA SER B 280 -28.68 13.22 18.81
C SER B 280 -27.82 14.11 17.94
N LEU B 281 -26.91 14.82 18.58
CA LEU B 281 -25.97 15.72 17.92
C LEU B 281 -24.60 15.34 18.43
N VAL B 282 -23.72 14.91 17.52
CA VAL B 282 -22.44 14.29 17.89
C VAL B 282 -21.30 15.02 17.19
N SER B 283 -20.22 15.28 17.93
CA SER B 283 -19.02 15.85 17.34
C SER B 283 -18.40 14.86 16.35
N LEU B 284 -18.19 15.32 15.12
CA LEU B 284 -17.81 14.41 14.03
C LEU B 284 -16.41 13.86 14.21
N GLY B 285 -15.43 14.73 14.48
CA GLY B 285 -14.06 14.27 14.63
C GLY B 285 -13.91 13.23 15.73
N ILE B 286 -14.63 13.42 16.83
CA ILE B 286 -14.54 12.45 17.92
C ILE B 286 -15.24 11.15 17.54
N LEU B 287 -16.41 11.25 16.90
CA LEU B 287 -17.09 10.06 16.43
C LEU B 287 -16.22 9.25 15.48
N LYS B 288 -15.62 9.91 14.47
CA LYS B 288 -14.77 9.19 13.53
C LYS B 288 -13.62 8.48 14.26
N ASP B 289 -12.98 9.21 15.18
CA ASP B 289 -11.84 8.65 15.90
C ASP B 289 -12.25 7.42 16.71
N ARG B 290 -13.37 7.49 17.43
CA ARG B 290 -13.76 6.37 18.29
C ARG B 290 -14.21 5.19 17.47
N LEU B 291 -14.85 5.44 16.32
CA LEU B 291 -15.26 4.33 15.45
C LEU B 291 -14.03 3.58 14.93
N ALA B 292 -12.95 4.30 14.59
CA ALA B 292 -11.76 3.61 14.14
C ALA B 292 -11.15 2.75 15.25
N ARG B 293 -11.30 3.17 16.51
CA ARG B 293 -10.76 2.37 17.60
C ARG B 293 -11.64 1.15 17.89
N VAL B 294 -12.95 1.36 18.00
CA VAL B 294 -13.82 0.25 18.34
C VAL B 294 -13.88 -0.75 17.19
N ASN B 295 -13.62 -0.30 15.96
CA ASN B 295 -13.53 -1.20 14.81
C ASN B 295 -12.55 -2.36 15.06
N LEU B 296 -11.54 -2.15 15.91
CA LEU B 296 -10.58 -3.21 16.20
C LEU B 296 -11.17 -4.32 17.04
N TYR B 297 -12.43 -4.15 17.49
CA TYR B 297 -13.14 -5.13 18.32
C TYR B 297 -14.44 -5.60 17.66
N VAL B 298 -14.63 -5.30 16.38
CA VAL B 298 -15.82 -5.70 15.62
C VAL B 298 -15.41 -6.82 14.68
N ASP B 299 -16.20 -7.89 14.62
CA ASP B 299 -15.78 -9.06 13.85
C ASP B 299 -16.23 -8.91 12.39
N LYS B 300 -16.16 -10.01 11.65
CA LYS B 300 -16.50 -10.00 10.23
C LYS B 300 -17.96 -9.66 9.97
N SER B 301 -18.85 -9.83 10.96
CA SER B 301 -20.23 -9.46 10.72
C SER B 301 -20.42 -7.95 10.65
N ARG B 302 -19.43 -7.18 11.10
CA ARG B 302 -19.41 -5.71 11.16
C ARG B 302 -20.37 -5.17 12.20
N LYS B 303 -20.90 -6.03 13.07
CA LYS B 303 -21.96 -5.64 14.00
C LYS B 303 -21.38 -4.82 15.15
N LEU B 304 -21.70 -3.54 15.14
CA LEU B 304 -21.36 -2.62 16.20
C LEU B 304 -22.62 -2.33 17.01
N VAL B 305 -22.54 -2.42 18.34
CA VAL B 305 -23.69 -2.17 19.21
C VAL B 305 -23.56 -0.77 19.79
N LEU B 306 -24.58 0.06 19.53
CA LEU B 306 -24.65 1.44 20.01
C LEU B 306 -25.71 1.54 21.08
N THR B 307 -25.39 2.27 22.16
CA THR B 307 -26.37 2.59 23.19
C THR B 307 -26.44 4.10 23.32
N PHE B 308 -27.62 4.66 23.03
CA PHE B 308 -27.87 6.09 23.17
C PHE B 308 -28.52 6.32 24.54
N SER B 309 -27.93 7.21 25.31
CA SER B 309 -28.51 7.64 26.56
C SER B 309 -28.48 9.15 26.59
N GLU B 310 -29.14 9.73 27.59
CA GLU B 310 -29.22 11.18 27.67
C GLU B 310 -27.83 11.81 27.79
N LEU B 311 -26.97 11.20 28.60
CA LEU B 311 -25.65 11.74 28.90
C LEU B 311 -24.52 11.20 28.01
N GLN B 312 -24.70 10.05 27.35
CA GLN B 312 -23.58 9.49 26.60
C GLN B 312 -24.06 8.58 25.48
N LEU B 313 -23.15 8.39 24.51
CA LEU B 313 -23.26 7.38 23.48
C LEU B 313 -22.22 6.30 23.74
N LYS B 314 -22.65 5.04 23.76
CA LYS B 314 -21.75 3.93 24.00
C LYS B 314 -21.55 3.15 22.69
N LEU B 315 -20.29 2.82 22.40
CA LEU B 315 -19.91 2.03 21.23
C LEU B 315 -19.29 0.73 21.72
N LEU B 316 -19.88 -0.40 21.34
CA LEU B 316 -19.47 -1.71 21.86
C LEU B 316 -19.09 -2.65 20.72
N GLY B 317 -17.84 -3.10 20.74
CA GLY B 317 -17.42 -4.17 19.85
C GLY B 317 -17.15 -5.40 20.67
N GLU B 318 -17.89 -6.48 20.40
CA GLU B 318 -17.77 -7.65 21.27
C GLU B 318 -17.80 -8.91 20.43
N ASP B 319 -16.96 -9.88 20.80
CA ASP B 319 -16.98 -11.21 20.21
C ASP B 319 -17.46 -12.14 21.32
N LEU B 320 -18.69 -12.64 21.19
CA LEU B 320 -19.29 -13.36 22.30
C LEU B 320 -18.61 -14.70 22.56
N ILE B 321 -18.06 -15.33 21.52
CA ILE B 321 -17.40 -16.62 21.69
C ILE B 321 -16.18 -16.47 22.60
N THR B 322 -15.30 -15.51 22.28
CA THR B 322 -14.01 -15.37 22.97
C THR B 322 -14.08 -14.48 24.21
N GLY B 323 -15.00 -13.53 24.26
CA GLY B 323 -15.00 -12.56 25.33
C GLY B 323 -14.20 -11.31 25.05
N ARG B 324 -13.49 -11.25 23.93
CA ARG B 324 -12.77 -10.04 23.54
C ARG B 324 -13.76 -8.90 23.32
N LYS B 325 -13.49 -7.77 23.97
CA LYS B 325 -14.50 -6.71 24.02
C LYS B 325 -13.83 -5.34 24.09
N GLY B 326 -14.38 -4.39 23.34
CA GLY B 326 -13.95 -3.01 23.45
C GLY B 326 -15.14 -2.07 23.61
N GLU B 327 -15.10 -1.21 24.63
CA GLU B 327 -16.20 -0.31 24.94
C GLU B 327 -15.66 1.11 24.97
N PHE B 328 -16.29 2.00 24.19
CA PHE B 328 -15.93 3.41 24.17
C PHE B 328 -17.17 4.28 24.39
N PHE B 329 -16.98 5.40 25.07
CA PHE B 329 -18.07 6.31 25.40
C PHE B 329 -17.79 7.69 24.83
N ILE B 330 -18.84 8.37 24.37
CA ILE B 330 -18.77 9.75 23.92
C ILE B 330 -19.76 10.54 24.76
N LYS B 331 -19.28 11.60 25.41
CA LYS B 331 -20.11 12.30 26.37
C LYS B 331 -20.07 13.79 26.10
N ASP B 332 -20.86 14.52 26.88
CA ASP B 332 -20.88 15.98 26.83
C ASP B 332 -19.44 16.50 26.90
N PRO B 333 -19.08 17.53 26.13
CA PRO B 333 -19.87 18.37 25.21
C PRO B 333 -19.79 17.83 23.78
N ASN B 334 -19.41 16.57 23.63
CA ASN B 334 -19.24 15.97 22.31
C ASN B 334 -20.47 15.21 21.87
N TYR B 335 -21.51 15.18 22.70
CA TYR B 335 -22.70 14.39 22.44
C TYR B 335 -23.85 15.06 23.16
N LEU B 336 -24.95 15.27 22.45
CA LEU B 336 -26.19 15.78 23.01
C LEU B 336 -27.29 14.86 22.54
N TYR B 337 -28.27 14.58 23.40
CA TYR B 337 -29.29 13.62 23.04
C TYR B 337 -30.63 13.99 23.64
N ASP B 338 -31.66 13.93 22.80
CA ASP B 338 -33.06 14.15 23.19
C ASP B 338 -33.83 12.95 22.70
N GLY B 339 -34.09 12.00 23.59
CA GLY B 339 -34.79 10.79 23.21
C GLY B 339 -34.78 9.80 24.35
N ALA B 340 -35.29 8.61 24.04
CA ALA B 340 -35.33 7.55 25.05
C ALA B 340 -34.04 6.73 24.98
N ASP B 341 -33.78 5.99 26.05
CA ASP B 341 -32.64 5.10 26.04
C ASP B 341 -32.87 4.03 24.98
N GLU B 342 -31.86 3.83 24.13
CA GLU B 342 -32.00 2.94 22.98
CA GLU B 342 -31.99 2.96 22.96
C GLU B 342 -30.68 2.22 22.74
N VAL B 343 -30.75 0.91 22.56
CA VAL B 343 -29.60 0.11 22.16
C VAL B 343 -29.93 -0.46 20.79
N MET B 344 -28.96 -0.39 19.88
CA MET B 344 -29.19 -0.85 18.52
C MET B 344 -27.86 -1.35 17.97
N ALA B 345 -27.96 -2.20 16.95
CA ALA B 345 -26.81 -2.70 16.22
C ALA B 345 -26.78 -2.09 14.82
N ILE B 346 -25.57 -1.86 14.32
CA ILE B 346 -25.38 -1.23 13.02
C ILE B 346 -24.10 -1.78 12.39
N ASN B 347 -24.10 -1.86 11.06
CA ASN B 347 -22.92 -2.27 10.29
C ASN B 347 -21.87 -1.17 10.40
N ILE B 348 -20.77 -1.46 11.09
CA ILE B 348 -19.80 -0.39 11.32
C ILE B 348 -19.19 0.11 10.02
N SER B 349 -19.07 -0.74 9.00
CA SER B 349 -18.51 -0.26 7.74
C SER B 349 -19.44 0.76 7.07
N TYR B 350 -20.75 0.50 7.08
CA TYR B 350 -21.70 1.48 6.53
C TYR B 350 -21.61 2.80 7.29
N PHE B 351 -21.57 2.71 8.62
CA PHE B 351 -21.53 3.89 9.48
C PHE B 351 -20.31 4.74 9.17
N VAL B 352 -19.12 4.12 9.16
CA VAL B 352 -17.89 4.87 8.94
C VAL B 352 -17.89 5.48 7.54
N GLU B 353 -18.29 4.67 6.55
CA GLU B 353 -18.32 5.17 5.18
C GLU B 353 -19.21 6.41 5.07
N ALA B 354 -20.38 6.34 5.69
CA ALA B 354 -21.32 7.45 5.56
C ALA B 354 -20.75 8.70 6.22
N ILE B 355 -20.28 8.60 7.46
CA ILE B 355 -19.85 9.83 8.13
C ILE B 355 -18.57 10.36 7.52
N SER B 356 -17.82 9.55 6.78
CA SER B 356 -16.61 10.10 6.19
C SER B 356 -16.89 11.14 5.11
N VAL B 357 -18.12 11.25 4.61
CA VAL B 357 -18.41 12.29 3.63
C VAL B 357 -19.00 13.56 4.26
N PHE B 358 -19.23 13.58 5.58
CA PHE B 358 -19.77 14.76 6.23
C PHE B 358 -18.67 15.80 6.44
N GLU B 359 -19.00 17.09 6.23
CA GLU B 359 -18.01 18.15 6.42
C GLU B 359 -18.38 19.17 7.49
N THR B 360 -19.44 18.96 8.25
CA THR B 360 -19.76 19.88 9.33
C THR B 360 -19.02 19.49 10.61
N SER B 361 -19.00 20.42 11.57
CA SER B 361 -18.38 20.17 12.87
C SER B 361 -19.10 19.07 13.62
N LYS B 362 -20.42 19.05 13.54
CA LYS B 362 -21.23 18.07 14.22
C LYS B 362 -22.07 17.33 13.20
N ILE B 363 -22.60 16.18 13.62
CA ILE B 363 -23.46 15.35 12.79
C ILE B 363 -24.74 15.09 13.59
N GLU B 364 -25.87 15.12 12.90
CA GLU B 364 -27.14 14.77 13.51
C GLU B 364 -27.45 13.31 13.22
N ILE B 365 -27.81 12.56 14.25
CA ILE B 365 -28.20 11.17 14.13
C ILE B 365 -29.54 11.04 14.82
N GLN B 366 -30.57 10.71 14.04
CA GLN B 366 -31.94 10.70 14.54
C GLN B 366 -32.62 9.42 14.09
N PHE B 367 -33.59 8.98 14.88
CA PHE B 367 -34.25 7.72 14.58
C PHE B 367 -35.49 7.57 15.44
N ASN B 368 -36.44 6.79 14.92
CA ASN B 368 -37.49 6.24 15.75
C ASN B 368 -37.04 4.87 16.21
N SER B 369 -37.37 4.53 17.45
CA SER B 369 -36.92 3.29 18.06
C SER B 369 -37.12 2.11 17.13
N GLY B 370 -36.06 1.34 16.93
CA GLY B 370 -36.08 0.14 16.12
C GLY B 370 -36.19 0.36 14.63
N ASN B 371 -36.06 1.60 14.15
CA ASN B 371 -36.25 1.89 12.74
C ASN B 371 -34.97 2.51 12.16
N VAL B 372 -35.06 2.89 10.88
CA VAL B 372 -33.93 3.44 10.13
C VAL B 372 -33.29 4.60 10.88
N LEU B 373 -31.95 4.65 10.83
CA LEU B 373 -31.17 5.78 11.31
C LEU B 373 -31.00 6.81 10.20
N LYS B 374 -31.22 8.08 10.52
CA LYS B 374 -31.04 9.17 9.59
C LYS B 374 -29.84 10.00 10.03
N LEU B 375 -28.87 10.18 9.13
CA LEU B 375 -27.69 11.01 9.36
C LEU B 375 -27.79 12.25 8.48
N SER B 376 -27.55 13.42 9.07
CA SER B 376 -27.60 14.67 8.30
C SER B 376 -26.69 15.70 8.94
N GLU B 377 -26.41 16.77 8.17
CA GLU B 377 -25.60 17.89 8.62
C GLU B 377 -26.49 18.99 9.18
N PRO B 378 -26.16 19.56 10.34
CA PRO B 378 -26.98 20.65 10.89
C PRO B 378 -27.08 21.78 9.89
N GLU B 379 -28.30 22.28 9.72
CA GLU B 379 -28.64 23.41 8.86
C GLU B 379 -28.40 23.11 7.37
N ASN B 380 -28.11 21.86 7.03
CA ASN B 380 -27.99 21.46 5.63
C ASN B 380 -29.11 20.48 5.30
N PHE B 381 -29.95 20.83 4.32
CA PHE B 381 -31.10 20.02 3.98
C PHE B 381 -31.00 19.33 2.63
N ASN B 382 -29.89 19.46 1.92
CA ASN B 382 -29.78 18.80 0.63
C ASN B 382 -29.44 17.33 0.76
N PHE B 383 -28.72 16.95 1.81
CA PHE B 383 -28.17 15.60 1.91
C PHE B 383 -28.78 14.86 3.07
N THR B 384 -29.27 13.66 2.80
CA THR B 384 -29.77 12.76 3.83
C THR B 384 -29.14 11.38 3.61
N HIS B 385 -28.66 10.75 4.69
CA HIS B 385 -28.18 9.38 4.60
C HIS B 385 -28.95 8.50 5.59
N LEU B 386 -29.48 7.39 5.09
CA LEU B 386 -30.25 6.45 5.88
C LEU B 386 -29.48 5.15 5.99
N ILE B 387 -29.49 4.55 7.19
CA ILE B 387 -28.86 3.25 7.41
C ILE B 387 -29.82 2.41 8.23
N MET B 388 -30.17 1.26 7.70
CA MET B 388 -31.01 0.36 8.45
C MET B 388 -30.18 -0.30 9.55
N PRO B 389 -30.66 -0.34 10.79
CA PRO B 389 -29.90 -1.04 11.83
C PRO B 389 -29.87 -2.54 11.56
N MET B 390 -28.87 -3.18 12.14
CA MET B 390 -28.80 -4.63 12.10
C MET B 390 -29.61 -5.18 13.26
N SER B 391 -30.05 -6.42 13.12
CA SER B 391 -30.83 -7.05 14.17
C SER B 391 -29.98 -7.20 15.43
N LEU B 392 -30.56 -6.85 16.58
CA LEU B 392 -29.78 -6.77 17.81
C LEU B 392 -29.40 -8.16 18.31
N GLY B 393 -30.36 -9.09 18.33
CA GLY B 393 -30.07 -10.44 18.75
C GLY B 393 -29.41 -11.29 17.69
C ACE C 1 21.24 -17.67 -18.16
O ACE C 1 21.52 -16.54 -18.00
CH3 ACE C 1 20.57 -18.11 -19.47
N MVA C 2 21.36 -18.47 -17.09
CN MVA C 2 21.33 -19.92 -17.08
CA MVA C 2 21.67 -17.83 -15.81
CB MVA C 2 20.39 -17.68 -14.95
CG1 MVA C 2 19.19 -17.24 -15.78
CG2 MVA C 2 20.61 -16.72 -13.80
C MVA C 2 22.74 -18.58 -15.02
O MVA C 2 22.45 -19.34 -14.12
C MP8 C 3 25.29 -18.49 -13.32
N MP8 C 3 24.00 -18.33 -15.39
O MP8 C 3 24.88 -17.40 -13.00
CA MP8 C 3 25.14 -18.99 -14.75
CB MP8 C 3 26.37 -18.72 -15.64
CD MP8 C 3 24.53 -17.46 -16.48
CE MP8 C 3 26.82 -17.14 -17.57
CG MP8 C 3 26.04 -17.34 -16.28
N NZC C 4 25.86 -19.30 -12.43
O NZC C 4 28.36 -18.37 -11.80
OG1 NZC C 4 26.90 -20.89 -10.01
C NZC C 4 27.54 -18.27 -10.91
CA NZC C 4 26.13 -18.82 -11.05
CB NZC C 4 25.88 -19.88 -9.97
CG2 NZC C 4 24.50 -20.51 -10.06
C40 NZC C 4 26.43 -20.58 -12.88
N LEU C 5 27.82 -17.65 -9.75
CA LEU C 5 29.19 -17.23 -9.44
C LEU C 5 30.11 -18.44 -9.37
C MP8 C 6 32.63 -20.01 -8.29
N MP8 C 6 31.42 -18.22 -9.57
O MP8 C 6 33.74 -20.37 -7.96
CA MP8 C 6 32.40 -19.33 -9.63
CB MP8 C 6 33.71 -18.73 -10.19
CD MP8 C 6 31.88 -17.15 -10.50
CE MP8 C 6 33.21 -17.91 -12.54
CG MP8 C 6 33.26 -17.53 -11.07
N LEU C 7 31.55 -20.21 -7.53
CA LEU C 7 31.67 -20.75 -6.17
C LEU C 7 32.00 -22.23 -6.15
N MVA C 8 32.94 -22.63 -5.31
CN MVA C 8 33.77 -21.68 -4.55
CA MVA C 8 33.23 -24.06 -5.08
CB MVA C 8 34.72 -24.35 -5.33
CG1 MVA C 8 35.08 -25.77 -4.91
CG2 MVA C 8 35.10 -24.13 -6.78
C MVA C 8 32.79 -24.55 -3.72
O MVA C 8 33.30 -24.10 -2.70
N PRO C 9 31.84 -25.50 -3.68
CA PRO C 9 31.07 -26.07 -4.80
C PRO C 9 29.90 -25.13 -5.00
N MLU C 10 29.06 -25.40 -5.99
CN MLU C 10 29.40 -26.18 -7.18
CA MLU C 10 27.85 -24.57 -6.12
C MLU C 10 27.61 -24.02 -7.52
O MLU C 10 26.63 -24.30 -8.19
CB MLU C 10 26.57 -25.10 -5.49
CG MLU C 10 26.24 -26.57 -5.73
CD1 MLU C 10 25.03 -26.72 -6.63
CD2 MLU C 10 25.99 -27.25 -4.40
N GLY C 11 28.53 -23.16 -7.95
CA GLY C 11 28.32 -22.36 -9.12
C GLY C 11 27.31 -21.29 -8.77
C ACE D 1 -29.97 -9.14 10.60
O ACE D 1 -29.30 -8.27 11.12
CH3 ACE D 1 -30.12 -10.51 11.22
N MVA D 2 -30.11 -9.03 9.17
CN MVA D 2 -30.99 -9.95 8.46
CA MVA D 2 -29.75 -7.84 8.41
CB MVA D 2 -28.56 -8.15 7.49
CG1 MVA D 2 -27.53 -9.03 8.20
CG2 MVA D 2 -27.88 -6.86 7.01
C MVA D 2 -30.92 -7.31 7.60
O MVA D 2 -30.97 -7.40 6.39
C MP8 D 3 -32.83 -5.17 6.64
N MP8 D 3 -31.90 -6.75 8.31
O MP8 D 3 -31.92 -4.37 6.77
CA MP8 D 3 -33.13 -6.23 7.69
CB MP8 D 3 -34.01 -5.71 8.84
CD MP8 D 3 -31.88 -6.33 9.76
CE MP8 D 3 -33.61 -5.21 11.28
CG MP8 D 3 -32.95 -5.24 9.90
N NZC D 4 -33.61 -5.16 5.56
O NZC D 4 -35.08 -2.84 5.78
OG1 NZC D 4 -35.19 -4.61 2.98
C NZC D 4 -34.22 -2.83 4.92
CA NZC D 4 -33.42 -4.07 4.56
CB NZC D 4 -33.77 -4.49 3.12
CG2 NZC D 4 -33.08 -5.76 2.69
C40 NZC D 4 -34.86 -5.91 5.59
N LEU D 5 -33.90 -1.74 4.23
CA LEU D 5 -34.69 -0.52 4.30
C LEU D 5 -36.11 -0.87 3.83
C MP8 D 6 -38.95 -0.19 2.55
N MP8 D 6 -37.11 -0.09 4.27
O MP8 D 6 -40.05 0.26 2.28
CA MP8 D 6 -38.53 -0.37 4.00
CB MP8 D 6 -39.36 0.55 4.91
CD MP8 D 6 -37.02 0.57 5.60
CE MP8 D 6 -38.82 -0.06 7.30
CG MP8 D 6 -38.43 0.84 6.13
N LEU D 7 -38.07 -0.54 1.62
CA LEU D 7 -38.32 -0.27 0.21
C LEU D 7 -39.45 -1.07 -0.37
N MVA D 8 -40.23 -0.41 -1.23
CN MVA D 8 -40.31 1.05 -1.30
CA MVA D 8 -41.22 -1.11 -2.03
CB MVA D 8 -42.63 -0.62 -1.68
CG1 MVA D 8 -43.66 -1.20 -2.64
CG2 MVA D 8 -42.98 -0.97 -0.24
C MVA D 8 -40.95 -0.99 -3.52
O MVA D 8 -40.86 0.08 -4.08
N PRO D 9 -40.77 -2.16 -4.17
CA PRO D 9 -40.71 -3.48 -3.54
C PRO D 9 -39.24 -3.63 -3.18
N MLU D 10 -38.89 -4.68 -2.43
CN MLU D 10 -39.82 -5.46 -1.62
CA MLU D 10 -37.47 -4.93 -2.18
C MLU D 10 -37.12 -5.36 -0.76
O MLU D 10 -36.60 -6.43 -0.52
CB MLU D 10 -36.81 -5.85 -3.22
CG MLU D 10 -37.60 -7.08 -3.62
CD1 MLU D 10 -36.92 -8.35 -3.13
CD2 MLU D 10 -37.82 -7.13 -5.12
N GLY D 11 -37.41 -4.47 0.19
CA GLY D 11 -36.94 -4.66 1.55
C GLY D 11 -35.44 -4.45 1.65
#